data_2G8Y
#
_entry.id   2G8Y
#
_cell.length_a   139.095
_cell.length_b   139.095
_cell.length_c   151.654
_cell.angle_alpha   90.00
_cell.angle_beta   90.00
_cell.angle_gamma   120.00
#
_symmetry.space_group_name_H-M   'P 32 2 1'
#
loop_
_entity.id
_entity.type
_entity.pdbx_description
1 polymer 'Malate/L-lactate dehydrogenases'
2 non-polymer 'SULFATE ION'
3 non-polymer NICOTINAMIDE-ADENINE-DINUCLEOTIDE
4 non-polymer 1,2-ETHANEDIOL
5 non-polymer 'PENTAETHYLENE GLYCOL'
6 water water
#
_entity_poly.entity_id   1
_entity_poly.type   'polypeptide(L)'
_entity_poly.pdbx_seq_one_letter_code
;(MSE)GSSHHHHHHSSGRENLYFQGH(MSE)ESGHRFDAQTLHSFIQAVFRQ(MSE)GSEEQEAKLVADHLIAANLAGHD
SHGIG(MSE)FPSYVRSWSQGHLQINHHAKTVKEAGAAVTLDGDRAFGQVAAHEA(MSE)ALGIEKAHQHGIAAVALHNS
HHIGRIGYWAEQCAAAGFVSIHFVSVVGIP(MSE)VAPFHGRDSRFGTNPFCVVFPRKDNFPLLLDYATSAIAFGKTRVA
WHKGVPVPPGCLIDVNGVPTTNPAV(MSE)QESPLGSLLTFAEHKGYALAA(MSE)CEILGGALSGGKTTHQETLQTSPD
AILNC(MSE)TTIIINPELFGAPDCNAQTEAFAEWVKASPHDDDKPILLPGEWEVNTRRERQKQGIPLDAGSWQAICDAA
RQIG(MSE)PEETLQAFCQQLASGS
;
_entity_poly.pdbx_strand_id   A,B
#
loop_
_chem_comp.id
_chem_comp.type
_chem_comp.name
_chem_comp.formula
1PE non-polymer 'PENTAETHYLENE GLYCOL' 'C10 H22 O6'
EDO non-polymer 1,2-ETHANEDIOL 'C2 H6 O2'
NAD non-polymer NICOTINAMIDE-ADENINE-DINUCLEOTIDE 'C21 H27 N7 O14 P2'
SO4 non-polymer 'SULFATE ION' 'O4 S -2'
#
# COMPACT_ATOMS: atom_id res chain seq x y z
N SER A 25 3.35 32.89 -17.96
CA SER A 25 4.21 32.76 -19.18
C SER A 25 5.53 31.98 -18.92
N GLY A 26 5.39 30.64 -18.79
CA GLY A 26 6.50 29.69 -18.54
C GLY A 26 7.53 29.50 -19.66
N HIS A 27 8.49 28.61 -19.47
N HIS A 27 8.46 28.58 -19.44
CA HIS A 27 9.45 28.32 -20.54
CA HIS A 27 9.57 28.31 -20.36
C HIS A 27 9.79 26.83 -20.54
C HIS A 27 9.67 26.79 -20.59
N ARG A 28 10.34 26.37 -21.66
CA ARG A 28 10.73 24.97 -21.84
C ARG A 28 12.24 24.88 -21.84
N PHE A 29 12.80 24.07 -20.94
CA PHE A 29 14.24 24.00 -20.80
C PHE A 29 14.76 22.63 -21.23
N ASP A 30 15.78 22.65 -22.09
CA ASP A 30 16.50 21.43 -22.44
C ASP A 30 17.05 20.72 -21.19
N ALA A 31 16.74 19.42 -21.05
CA ALA A 31 17.06 18.70 -19.82
C ALA A 31 18.58 18.65 -19.50
N GLN A 32 19.41 18.40 -20.52
N GLN A 32 19.44 18.38 -20.48
CA GLN A 32 20.88 18.35 -20.42
CA GLN A 32 20.89 18.35 -20.21
C GLN A 32 21.49 19.67 -19.95
C GLN A 32 21.43 19.72 -19.81
N THR A 33 21.05 20.78 -20.53
CA THR A 33 21.50 22.12 -20.15
C THR A 33 21.02 22.51 -18.75
N LEU A 34 19.77 22.16 -18.43
CA LEU A 34 19.21 22.47 -17.14
C LEU A 34 19.91 21.71 -16.02
N HIS A 35 20.25 20.45 -16.28
CA HIS A 35 21.04 19.63 -15.37
C HIS A 35 22.41 20.29 -15.11
N SER A 36 23.04 20.78 -16.17
CA SER A 36 24.33 21.48 -16.07
C SER A 36 24.15 22.66 -15.12
N PHE A 37 23.07 23.43 -15.32
CA PHE A 37 22.76 24.56 -14.46
C PHE A 37 22.52 24.17 -13.00
N ILE A 38 21.66 23.18 -12.76
CA ILE A 38 21.38 22.72 -11.39
C ILE A 38 22.64 22.28 -10.68
N GLN A 39 23.46 21.52 -11.38
CA GLN A 39 24.70 21.04 -10.81
C GLN A 39 25.63 22.21 -10.40
N ALA A 40 25.73 23.22 -11.26
CA ALA A 40 26.54 24.42 -11.02
C ALA A 40 26.05 25.16 -9.77
N VAL A 41 24.74 25.17 -9.58
CA VAL A 41 24.14 25.90 -8.49
C VAL A 41 24.46 25.20 -7.16
N PHE A 42 24.49 23.87 -7.15
CA PHE A 42 24.88 23.14 -5.95
C PHE A 42 26.40 23.22 -5.68
N ARG A 43 27.22 23.29 -6.72
CA ARG A 43 28.64 23.60 -6.51
C ARG A 43 28.80 24.95 -5.87
N GLN A 44 28.07 25.97 -6.36
CA GLN A 44 28.08 27.29 -5.75
C GLN A 44 27.67 27.28 -4.27
N MSE A 45 26.69 26.45 -3.92
CA MSE A 45 26.28 26.26 -2.53
C MSE A 45 27.39 25.68 -1.66
O MSE A 45 27.38 25.87 -0.47
CB MSE A 45 25.05 25.39 -2.47
CG MSE A 45 24.35 25.41 -1.15
SE MSE A 45 22.68 24.36 -1.35
CE MSE A 45 22.25 24.06 0.52
N GLY A 46 28.33 24.96 -2.25
CA GLY A 46 29.42 24.36 -1.50
C GLY A 46 29.51 22.85 -1.64
N SER A 47 28.57 22.24 -2.36
CA SER A 47 28.60 20.80 -2.61
C SER A 47 29.85 20.47 -3.41
N GLU A 48 30.53 19.42 -3.01
CA GLU A 48 31.58 18.86 -3.84
C GLU A 48 31.03 18.20 -5.11
N GLU A 49 31.95 17.80 -5.99
CA GLU A 49 31.58 17.36 -7.32
C GLU A 49 30.56 16.20 -7.37
N GLN A 50 30.84 15.12 -6.67
CA GLN A 50 29.94 13.98 -6.63
C GLN A 50 28.56 14.31 -6.01
N GLU A 51 28.58 15.01 -4.88
CA GLU A 51 27.35 15.47 -4.28
C GLU A 51 26.47 16.30 -5.27
N ALA A 52 27.06 17.30 -5.93
CA ALA A 52 26.29 18.15 -6.82
C ALA A 52 25.68 17.34 -7.97
N LYS A 53 26.45 16.38 -8.48
CA LYS A 53 25.97 15.45 -9.51
C LYS A 53 24.81 14.58 -9.02
N LEU A 54 24.94 13.98 -7.84
CA LEU A 54 23.87 13.18 -7.25
C LEU A 54 22.60 14.01 -7.04
N VAL A 55 22.75 15.24 -6.57
CA VAL A 55 21.59 16.07 -6.35
C VAL A 55 20.96 16.42 -7.71
N ALA A 56 21.76 16.89 -8.66
CA ALA A 56 21.24 17.24 -9.98
C ALA A 56 20.58 16.05 -10.69
N ASP A 57 21.19 14.87 -10.61
CA ASP A 57 20.65 13.65 -11.20
C ASP A 57 19.24 13.36 -10.72
N HIS A 58 19.05 13.38 -9.40
CA HIS A 58 17.75 13.16 -8.82
C HIS A 58 16.74 14.25 -9.20
N LEU A 59 17.13 15.52 -9.10
CA LEU A 59 16.19 16.61 -9.33
C LEU A 59 15.73 16.65 -10.79
N ILE A 60 16.68 16.55 -11.72
CA ILE A 60 16.31 16.53 -13.14
C ILE A 60 15.42 15.32 -13.46
N ALA A 61 15.71 14.16 -12.86
CA ALA A 61 14.90 12.97 -13.09
C ALA A 61 13.45 13.18 -12.62
N ALA A 62 13.25 13.91 -11.52
CA ALA A 62 11.92 14.22 -11.02
C ALA A 62 11.17 15.14 -12.00
N ASN A 63 11.86 16.15 -12.51
CA ASN A 63 11.29 17.01 -13.52
C ASN A 63 10.92 16.25 -14.77
N LEU A 64 11.82 15.39 -15.25
CA LEU A 64 11.55 14.57 -16.44
C LEU A 64 10.33 13.64 -16.26
N ALA A 65 10.20 13.06 -15.06
CA ALA A 65 9.11 12.13 -14.72
C ALA A 65 7.80 12.84 -14.50
N GLY A 66 7.81 14.17 -14.44
CA GLY A 66 6.59 14.93 -14.26
C GLY A 66 6.30 15.25 -12.80
N HIS A 67 7.20 14.89 -11.90
CA HIS A 67 7.00 15.17 -10.48
C HIS A 67 7.77 16.41 -10.04
N ASP A 68 7.26 17.56 -10.49
CA ASP A 68 7.97 18.83 -10.41
C ASP A 68 8.17 19.36 -9.00
N SER A 69 7.32 18.99 -8.07
CA SER A 69 7.52 19.37 -6.67
C SER A 69 8.85 18.88 -6.13
N HIS A 70 9.35 17.77 -6.68
CA HIS A 70 10.59 17.15 -6.21
C HIS A 70 11.78 17.40 -7.12
N GLY A 71 11.60 18.33 -8.07
CA GLY A 71 12.61 18.64 -9.02
C GLY A 71 13.39 19.88 -8.61
N ILE A 72 13.91 20.59 -9.61
CA ILE A 72 14.74 21.77 -9.43
C ILE A 72 14.10 22.86 -8.52
N GLY A 73 12.77 22.89 -8.49
CA GLY A 73 12.03 23.79 -7.61
C GLY A 73 12.29 23.62 -6.12
N MSE A 74 12.83 22.47 -5.70
CA MSE A 74 13.26 22.25 -4.29
C MSE A 74 14.49 23.08 -3.91
O MSE A 74 14.75 23.31 -2.73
CB MSE A 74 13.58 20.78 -4.05
CG MSE A 74 12.37 19.86 -3.96
SE MSE A 74 10.97 20.49 -2.69
CE MSE A 74 12.01 20.78 -1.03
N PHE A 75 15.26 23.56 -4.89
CA PHE A 75 16.53 24.27 -4.62
C PHE A 75 16.46 25.44 -3.60
N PRO A 76 15.57 26.44 -3.82
CA PRO A 76 15.50 27.50 -2.81
C PRO A 76 15.23 27.00 -1.39
N SER A 77 14.34 26.02 -1.24
CA SER A 77 14.04 25.44 0.06
C SER A 77 15.26 24.76 0.68
N TYR A 78 16.01 24.01 -0.13
CA TYR A 78 17.23 23.36 0.34
C TYR A 78 18.25 24.38 0.85
N VAL A 79 18.40 25.52 0.15
CA VAL A 79 19.30 26.57 0.62
C VAL A 79 18.85 27.08 1.97
N ARG A 80 17.55 27.26 2.13
CA ARG A 80 17.01 27.73 3.42
C ARG A 80 17.30 26.71 4.53
N SER A 81 17.04 25.43 4.27
CA SER A 81 17.28 24.41 5.27
C SER A 81 18.76 24.41 5.73
N TRP A 82 19.66 24.44 4.76
CA TRP A 82 21.09 24.50 5.02
C TRP A 82 21.49 25.75 5.80
N SER A 83 20.97 26.92 5.38
CA SER A 83 21.28 28.18 6.07
C SER A 83 20.84 28.14 7.51
N GLN A 84 19.75 27.42 7.77
CA GLN A 84 19.16 27.33 9.11
C GLN A 84 19.76 26.24 9.97
N GLY A 85 20.81 25.57 9.46
CA GLY A 85 21.51 24.51 10.18
C GLY A 85 20.88 23.13 10.14
N HIS A 86 19.92 22.88 9.25
CA HIS A 86 19.28 21.55 9.17
C HIS A 86 19.97 20.64 8.15
N LEU A 87 19.62 20.78 6.87
CA LEU A 87 20.40 20.15 5.80
C LEU A 87 21.91 20.42 5.97
N GLN A 88 22.72 19.38 5.85
CA GLN A 88 24.18 19.53 5.91
C GLN A 88 24.78 19.12 4.60
N ILE A 89 25.57 20.05 4.03
CA ILE A 89 26.22 19.75 2.74
C ILE A 89 27.43 18.83 2.98
N ASN A 90 27.80 18.06 1.97
CA ASN A 90 28.94 17.15 2.03
C ASN A 90 28.94 16.17 3.19
N HIS A 91 27.76 15.64 3.51
CA HIS A 91 27.62 14.57 4.50
C HIS A 91 27.31 13.25 3.81
N HIS A 92 27.26 12.18 4.61
CA HIS A 92 27.11 10.82 4.10
C HIS A 92 26.30 10.01 5.10
N ALA A 93 25.58 9.00 4.60
CA ALA A 93 24.93 8.02 5.45
C ALA A 93 26.03 7.27 6.20
N LYS A 94 25.80 7.00 7.49
CA LYS A 94 26.72 6.20 8.31
C LYS A 94 26.00 4.94 8.74
N THR A 95 26.68 3.80 8.65
CA THR A 95 26.14 2.53 9.09
C THR A 95 26.09 2.49 10.61
N VAL A 96 24.91 2.26 11.17
CA VAL A 96 24.82 2.16 12.60
C VAL A 96 24.58 0.72 13.08
N LYS A 97 24.06 -0.12 12.21
CA LYS A 97 23.91 -1.55 12.51
C LYS A 97 23.90 -2.33 11.22
N GLU A 98 24.57 -3.48 11.26
CA GLU A 98 24.47 -4.46 10.21
C GLU A 98 24.29 -5.84 10.84
N ALA A 99 23.20 -6.51 10.52
CA ALA A 99 22.85 -7.78 11.15
C ALA A 99 22.12 -8.65 10.14
N GLY A 100 22.73 -9.76 9.75
CA GLY A 100 22.12 -10.67 8.76
C GLY A 100 21.83 -9.94 7.47
N ALA A 101 20.56 -9.99 7.06
CA ALA A 101 20.12 -9.40 5.81
C ALA A 101 19.68 -7.91 5.91
N ALA A 102 19.90 -7.26 7.06
CA ALA A 102 19.48 -5.87 7.27
C ALA A 102 20.63 -4.95 7.64
N VAL A 103 20.71 -3.79 6.96
CA VAL A 103 21.63 -2.73 7.32
C VAL A 103 20.81 -1.49 7.71
N THR A 104 21.24 -0.82 8.78
CA THR A 104 20.62 0.39 9.29
C THR A 104 21.58 1.57 9.21
N LEU A 105 21.10 2.65 8.60
CA LEU A 105 21.93 3.83 8.34
C LEU A 105 21.36 5.11 8.96
N ASP A 106 22.26 5.97 9.45
CA ASP A 106 21.92 7.31 9.88
C ASP A 106 22.31 8.24 8.73
N GLY A 107 21.33 8.93 8.16
CA GLY A 107 21.59 9.85 7.04
C GLY A 107 22.37 11.10 7.42
N ASP A 108 22.48 11.36 8.72
CA ASP A 108 23.31 12.45 9.23
C ASP A 108 22.87 13.82 8.64
N ARG A 109 21.59 13.95 8.30
CA ARG A 109 21.04 15.16 7.68
C ARG A 109 21.70 15.54 6.31
N ALA A 110 22.34 14.57 5.65
CA ALA A 110 22.89 14.76 4.30
C ALA A 110 21.77 14.95 3.30
N PHE A 111 22.06 15.58 2.16
CA PHE A 111 21.09 15.54 1.06
C PHE A 111 20.50 14.15 0.92
N GLY A 112 19.18 14.03 0.88
CA GLY A 112 18.59 12.74 0.66
C GLY A 112 19.04 12.15 -0.67
N GLN A 113 19.31 13.00 -1.65
CA GLN A 113 19.84 12.58 -2.95
C GLN A 113 21.22 11.91 -2.84
N VAL A 114 21.94 12.18 -1.74
CA VAL A 114 23.18 11.49 -1.45
C VAL A 114 22.88 10.28 -0.56
N ALA A 115 22.21 10.48 0.57
CA ALA A 115 22.06 9.39 1.58
C ALA A 115 21.22 8.22 1.07
N ALA A 116 20.13 8.51 0.34
CA ALA A 116 19.31 7.43 -0.18
C ALA A 116 19.99 6.70 -1.34
N HIS A 117 20.82 7.40 -2.09
CA HIS A 117 21.62 6.77 -3.14
C HIS A 117 22.62 5.80 -2.52
N GLU A 118 23.31 6.23 -1.47
CA GLU A 118 24.20 5.37 -0.70
C GLU A 118 23.48 4.20 -0.06
N ALA A 119 22.31 4.45 0.53
CA ALA A 119 21.44 3.38 1.08
C ALA A 119 21.06 2.33 0.03
N MSE A 120 20.55 2.76 -1.13
CA MSE A 120 20.20 1.77 -2.17
C MSE A 120 21.38 0.94 -2.62
O MSE A 120 21.24 -0.27 -2.82
CB MSE A 120 19.55 2.43 -3.39
CG MSE A 120 18.26 3.12 -3.09
SE MSE A 120 16.89 1.96 -2.20
CE MSE A 120 17.20 2.43 -0.29
N ALA A 121 22.56 1.55 -2.77
CA ALA A 121 23.72 0.82 -3.25
C ALA A 121 24.09 -0.28 -2.27
N LEU A 122 24.07 0.04 -0.97
CA LEU A 122 24.34 -0.93 0.08
C LEU A 122 23.26 -1.99 0.18
N GLY A 123 22.00 -1.59 0.05
CA GLY A 123 20.86 -2.51 0.07
C GLY A 123 20.82 -3.48 -1.11
N ILE A 124 21.09 -2.98 -2.32
CA ILE A 124 21.15 -3.79 -3.51
C ILE A 124 22.26 -4.85 -3.40
N GLU A 125 23.43 -4.44 -2.89
CA GLU A 125 24.51 -5.39 -2.68
C GLU A 125 24.14 -6.45 -1.65
N LYS A 126 23.49 -6.03 -0.58
CA LYS A 126 23.02 -6.95 0.42
C LYS A 126 22.00 -7.97 -0.14
N ALA A 127 21.13 -7.52 -1.05
CA ALA A 127 20.18 -8.39 -1.74
C ALA A 127 20.86 -9.36 -2.72
N HIS A 128 21.96 -8.92 -3.37
CA HIS A 128 22.82 -9.84 -4.15
C HIS A 128 23.34 -10.96 -3.25
N GLN A 129 23.72 -10.63 -2.02
CA GLN A 129 24.30 -11.60 -1.12
C GLN A 129 23.26 -12.50 -0.47
N HIS A 130 22.11 -11.95 -0.09
CA HIS A 130 21.13 -12.67 0.71
C HIS A 130 19.86 -13.06 -0.03
N GLY A 131 19.67 -12.56 -1.26
CA GLY A 131 18.45 -12.82 -2.05
C GLY A 131 17.31 -11.88 -1.68
N ILE A 132 17.05 -11.75 -0.37
CA ILE A 132 16.11 -10.80 0.21
C ILE A 132 16.83 -10.06 1.33
N ALA A 133 16.85 -8.73 1.26
CA ALA A 133 17.55 -7.92 2.25
C ALA A 133 16.73 -6.68 2.59
N ALA A 134 17.16 -5.95 3.61
CA ALA A 134 16.51 -4.70 3.94
C ALA A 134 17.57 -3.65 4.24
N VAL A 135 17.29 -2.41 3.82
CA VAL A 135 18.07 -1.26 4.25
C VAL A 135 17.14 -0.22 4.89
N ALA A 136 17.45 0.19 6.12
CA ALA A 136 16.72 1.25 6.81
C ALA A 136 17.59 2.51 6.87
N LEU A 137 16.97 3.66 6.60
CA LEU A 137 17.68 4.91 6.56
C LEU A 137 16.89 5.90 7.41
N HIS A 138 17.44 6.36 8.52
CA HIS A 138 16.79 7.44 9.27
C HIS A 138 17.55 8.73 9.19
N ASN A 139 16.88 9.85 9.51
CA ASN A 139 17.55 11.12 9.70
C ASN A 139 18.27 11.59 8.43
N SER A 140 17.68 11.32 7.28
CA SER A 140 18.19 11.85 6.02
C SER A 140 17.45 13.14 5.70
N HIS A 141 18.11 14.10 5.07
CA HIS A 141 17.37 15.22 4.55
C HIS A 141 16.48 14.70 3.41
N HIS A 142 15.49 15.49 3.03
CA HIS A 142 14.52 15.14 1.98
C HIS A 142 15.02 14.21 0.88
N ILE A 143 14.39 13.05 0.74
CA ILE A 143 14.81 12.06 -0.26
C ILE A 143 14.02 12.14 -1.57
N GLY A 144 13.13 13.12 -1.66
CA GLY A 144 12.54 13.47 -2.95
C GLY A 144 11.53 12.46 -3.48
N ARG A 145 11.63 12.17 -4.79
CA ARG A 145 10.72 11.27 -5.45
C ARG A 145 11.11 9.83 -5.10
N ILE A 146 10.26 9.10 -4.39
CA ILE A 146 10.63 7.79 -3.90
C ILE A 146 10.83 6.81 -5.05
N GLY A 147 10.05 6.97 -6.11
CA GLY A 147 10.15 6.10 -7.29
C GLY A 147 11.54 6.04 -7.87
N TYR A 148 12.34 7.08 -7.67
CA TYR A 148 13.72 7.13 -8.14
C TYR A 148 14.60 6.05 -7.47
N TRP A 149 14.41 5.85 -6.16
CA TRP A 149 15.15 4.82 -5.41
C TRP A 149 14.69 3.43 -5.82
N ALA A 150 13.38 3.28 -6.05
CA ALA A 150 12.82 2.01 -6.54
C ALA A 150 13.35 1.66 -7.92
N GLU A 151 13.46 2.66 -8.79
CA GLU A 151 14.03 2.49 -10.12
C GLU A 151 15.46 1.99 -10.06
N GLN A 152 16.24 2.40 -9.05
CA GLN A 152 17.58 1.86 -8.90
C GLN A 152 17.51 0.41 -8.56
N CYS A 153 16.65 0.03 -7.63
CA CYS A 153 16.47 -1.36 -7.28
C CYS A 153 15.99 -2.17 -8.47
N ALA A 154 15.05 -1.63 -9.25
CA ALA A 154 14.48 -2.37 -10.39
C ALA A 154 15.49 -2.52 -11.52
N ALA A 155 16.31 -1.48 -11.72
CA ALA A 155 17.35 -1.57 -12.75
C ALA A 155 18.38 -2.66 -12.41
N ALA A 156 18.61 -2.91 -11.12
CA ALA A 156 19.51 -3.99 -10.69
C ALA A 156 18.79 -5.36 -10.71
N GLY A 157 17.52 -5.37 -11.09
CA GLY A 157 16.73 -6.61 -11.23
C GLY A 157 15.93 -7.03 -10.01
N PHE A 158 15.70 -6.13 -9.06
CA PHE A 158 14.96 -6.47 -7.86
C PHE A 158 13.56 -5.84 -7.77
N VAL A 159 12.69 -6.54 -7.03
CA VAL A 159 11.48 -5.94 -6.45
C VAL A 159 11.92 -5.14 -5.20
N SER A 160 11.30 -3.98 -4.97
CA SER A 160 11.56 -3.26 -3.72
C SER A 160 10.27 -2.65 -3.22
N ILE A 161 10.21 -2.47 -1.90
CA ILE A 161 9.04 -1.96 -1.20
C ILE A 161 9.59 -0.93 -0.23
N HIS A 162 9.02 0.28 -0.23
CA HIS A 162 9.54 1.42 0.53
C HIS A 162 8.44 2.01 1.39
N PHE A 163 8.72 2.14 2.69
CA PHE A 163 7.87 2.85 3.66
C PHE A 163 8.63 4.10 4.11
N VAL A 164 8.03 5.25 3.89
CA VAL A 164 8.70 6.52 4.10
C VAL A 164 7.88 7.39 5.04
N SER A 165 8.54 8.02 6.00
CA SER A 165 7.88 8.99 6.84
C SER A 165 8.57 10.36 6.71
N VAL A 166 7.81 11.43 6.94
CA VAL A 166 8.36 12.79 7.01
C VAL A 166 8.39 13.18 8.49
N VAL A 167 9.58 13.48 9.02
CA VAL A 167 9.78 13.63 10.47
C VAL A 167 9.39 15.01 10.99
N GLY A 168 8.35 15.06 11.84
CA GLY A 168 8.04 16.26 12.61
C GLY A 168 7.58 17.52 11.90
N ILE A 169 6.97 17.36 10.72
CA ILE A 169 6.20 18.45 10.11
C ILE A 169 4.77 17.95 9.84
N PRO A 170 3.89 18.00 10.86
CA PRO A 170 2.54 17.45 10.62
C PRO A 170 1.80 18.22 9.52
N MSE A 171 1.24 17.52 8.55
CA MSE A 171 0.43 18.23 7.60
C MSE A 171 -0.82 17.49 7.14
O MSE A 171 -1.62 18.04 6.38
CB MSE A 171 1.29 18.79 6.48
CG MSE A 171 1.60 17.88 5.38
SE MSE A 171 3.13 18.62 4.29
CE MSE A 171 4.48 17.16 4.93
N VAL A 172 -0.99 16.27 7.66
CA VAL A 172 -2.09 15.39 7.32
C VAL A 172 -2.84 14.96 8.58
N ALA A 173 -4.16 14.95 8.50
CA ALA A 173 -5.01 14.62 9.64
C ALA A 173 -5.27 13.14 9.65
N PRO A 174 -5.34 12.53 10.85
CA PRO A 174 -5.80 11.13 10.88
C PRO A 174 -7.29 11.06 10.53
N PHE A 175 -7.76 9.92 10.02
CA PHE A 175 -9.19 9.73 9.85
C PHE A 175 -9.85 9.89 11.23
N HIS A 176 -10.90 10.72 11.28
CA HIS A 176 -11.62 11.15 12.51
C HIS A 176 -11.04 12.36 13.22
N GLY A 177 -9.84 12.78 12.84
CA GLY A 177 -9.19 13.92 13.49
C GLY A 177 -9.44 15.20 12.72
N ARG A 178 -9.19 16.33 13.35
CA ARG A 178 -9.49 17.62 12.75
C ARG A 178 -8.32 18.54 12.63
N ASP A 179 -7.11 17.99 12.79
CA ASP A 179 -5.89 18.77 12.58
C ASP A 179 -4.74 17.85 12.18
N SER A 180 -3.59 18.43 11.85
CA SER A 180 -2.45 17.71 11.30
C SER A 180 -1.71 16.93 12.37
N ARG A 181 -1.33 15.71 12.03
CA ARG A 181 -0.57 14.89 12.96
C ARG A 181 0.66 14.22 12.35
N PHE A 182 0.73 14.09 11.02
CA PHE A 182 1.83 13.35 10.39
C PHE A 182 2.08 13.88 8.99
N GLY A 183 3.20 13.45 8.37
CA GLY A 183 3.58 13.90 7.02
C GLY A 183 2.83 13.18 5.90
N THR A 184 3.15 13.57 4.67
CA THR A 184 2.51 12.98 3.52
C THR A 184 3.03 11.55 3.23
N ASN A 185 4.02 11.09 4.01
CA ASN A 185 4.36 9.65 4.18
C ASN A 185 4.09 8.75 2.98
N PRO A 186 4.94 8.84 1.94
CA PRO A 186 4.69 8.07 0.71
C PRO A 186 4.97 6.55 0.83
N PHE A 187 4.33 5.79 -0.03
CA PHE A 187 4.52 4.36 -0.15
C PHE A 187 4.92 4.07 -1.59
N CYS A 188 5.83 3.13 -1.78
CA CYS A 188 6.35 2.81 -3.10
C CYS A 188 6.67 1.31 -3.24
N VAL A 189 6.26 0.71 -4.36
CA VAL A 189 6.60 -0.68 -4.70
C VAL A 189 6.90 -0.72 -6.20
N VAL A 190 7.90 -1.52 -6.55
CA VAL A 190 8.32 -1.68 -7.93
C VAL A 190 8.47 -3.17 -8.32
N PHE A 191 8.15 -3.49 -9.57
CA PHE A 191 8.39 -4.81 -10.16
C PHE A 191 9.16 -4.61 -11.48
N PRO A 192 10.39 -5.15 -11.58
CA PRO A 192 11.20 -4.98 -12.79
C PRO A 192 10.69 -5.85 -13.94
N ARG A 193 10.78 -5.38 -15.18
CA ARG A 193 10.41 -6.19 -16.33
C ARG A 193 11.58 -6.19 -17.31
N LYS A 194 11.92 -7.36 -17.85
CA LYS A 194 13.03 -7.46 -18.84
C LYS A 194 12.72 -6.64 -20.09
N ASP A 195 13.63 -5.72 -20.45
CA ASP A 195 13.48 -4.90 -21.67
C ASP A 195 12.17 -4.10 -21.67
N ASN A 196 11.78 -3.58 -20.51
CA ASN A 196 10.60 -2.74 -20.42
C ASN A 196 10.64 -1.87 -19.17
N PHE A 197 9.79 -0.85 -19.13
CA PHE A 197 9.77 -0.02 -17.95
C PHE A 197 9.20 -0.84 -16.78
N PRO A 198 9.72 -0.60 -15.56
CA PRO A 198 9.22 -1.34 -14.39
C PRO A 198 7.80 -0.89 -14.00
N LEU A 199 7.00 -1.79 -13.43
CA LEU A 199 5.69 -1.40 -12.88
C LEU A 199 5.98 -0.74 -11.55
N LEU A 200 5.59 0.52 -11.43
CA LEU A 200 6.03 1.37 -10.33
C LEU A 200 4.86 2.09 -9.69
N LEU A 201 4.53 1.67 -8.47
CA LEU A 201 3.60 2.38 -7.62
C LEU A 201 4.41 3.31 -6.74
N ASP A 202 4.06 4.59 -6.74
CA ASP A 202 4.77 5.57 -5.94
C ASP A 202 3.84 6.75 -5.60
N TYR A 203 3.36 6.85 -4.36
CA TYR A 203 2.53 8.00 -4.05
C TYR A 203 2.44 8.34 -2.58
N ALA A 204 2.08 9.59 -2.29
CA ALA A 204 1.79 10.04 -0.94
C ALA A 204 0.55 9.36 -0.38
N THR A 205 0.47 9.27 0.95
CA THR A 205 -0.72 8.71 1.59
C THR A 205 -1.79 9.78 1.87
N SER A 206 -1.49 11.02 1.51
CA SER A 206 -2.49 12.07 1.59
C SER A 206 -3.44 12.00 0.38
N ALA A 207 -4.59 12.66 0.49
CA ALA A 207 -5.63 12.64 -0.55
C ALA A 207 -5.15 13.37 -1.81
N ILE A 208 -4.26 14.33 -1.64
CA ILE A 208 -3.66 15.08 -2.71
C ILE A 208 -2.24 15.41 -2.25
N ALA A 209 -1.29 15.56 -3.19
CA ALA A 209 0.07 16.00 -2.79
C ALA A 209 0.06 17.46 -2.37
N PHE A 210 0.92 17.78 -1.41
CA PHE A 210 1.09 19.15 -0.91
C PHE A 210 1.39 20.12 -2.06
N GLY A 211 2.30 19.72 -2.97
CA GLY A 211 2.67 20.53 -4.14
C GLY A 211 1.50 20.87 -5.03
N LYS A 212 0.51 19.98 -5.11
CA LYS A 212 -0.69 20.27 -5.89
C LYS A 212 -1.48 21.45 -5.33
N THR A 213 -1.54 21.54 -3.99
CA THR A 213 -2.23 22.66 -3.35
C THR A 213 -1.48 23.98 -3.62
N ARG A 214 -0.16 23.90 -3.61
N ARG A 214 -0.15 23.95 -3.60
CA ARG A 214 0.74 25.02 -3.92
CA ARG A 214 0.60 25.15 -3.92
C ARG A 214 0.52 25.57 -5.34
C ARG A 214 0.31 25.59 -5.36
N VAL A 215 0.41 24.65 -6.30
CA VAL A 215 0.11 24.98 -7.70
C VAL A 215 -1.32 25.55 -7.81
N ALA A 216 -2.30 24.88 -7.24
CA ALA A 216 -3.69 25.36 -7.32
C ALA A 216 -3.87 26.75 -6.70
N TRP A 217 -3.16 26.98 -5.59
CA TRP A 217 -3.18 28.25 -4.87
C TRP A 217 -2.59 29.36 -5.74
N HIS A 218 -1.43 29.10 -6.35
CA HIS A 218 -0.83 30.07 -7.29
C HIS A 218 -1.75 30.39 -8.46
N LYS A 219 -2.49 29.39 -8.96
CA LYS A 219 -3.38 29.59 -10.11
C LYS A 219 -4.74 30.15 -9.76
N GLY A 220 -5.05 30.26 -8.47
CA GLY A 220 -6.33 30.81 -8.05
C GLY A 220 -7.52 29.88 -8.28
N VAL A 221 -7.26 28.58 -8.36
CA VAL A 221 -8.35 27.60 -8.59
C VAL A 221 -8.55 26.67 -7.39
N PRO A 222 -9.77 26.13 -7.21
CA PRO A 222 -9.96 25.15 -6.14
C PRO A 222 -9.27 23.81 -6.42
N VAL A 223 -9.12 22.99 -5.39
CA VAL A 223 -8.72 21.59 -5.53
C VAL A 223 -9.99 20.70 -5.49
N PRO A 224 -9.86 19.42 -5.88
CA PRO A 224 -11.05 18.55 -5.78
C PRO A 224 -11.56 18.43 -4.35
N PRO A 225 -12.85 18.09 -4.19
CA PRO A 225 -13.40 17.92 -2.84
C PRO A 225 -12.89 16.65 -2.15
N GLY A 226 -13.01 16.59 -0.83
CA GLY A 226 -12.53 15.43 -0.07
C GLY A 226 -11.02 15.40 0.13
N CYS A 227 -10.34 16.53 -0.06
CA CYS A 227 -8.87 16.56 0.08
C CYS A 227 -8.32 17.37 1.25
N LEU A 228 -9.07 18.40 1.67
CA LEU A 228 -8.62 19.41 2.62
C LEU A 228 -9.65 19.67 3.70
N ILE A 229 -9.18 20.04 4.89
CA ILE A 229 -10.05 20.63 5.89
C ILE A 229 -9.40 21.91 6.34
N ASP A 230 -10.20 22.89 6.79
CA ASP A 230 -9.63 24.15 7.23
C ASP A 230 -9.17 24.06 8.70
N VAL A 231 -8.67 25.17 9.23
CA VAL A 231 -8.18 25.24 10.62
C VAL A 231 -9.16 24.66 11.66
N ASN A 232 -10.46 24.78 11.40
CA ASN A 232 -11.48 24.29 12.31
C ASN A 232 -11.99 22.88 12.01
N GLY A 233 -11.43 22.21 11.00
CA GLY A 233 -11.80 20.83 10.68
C GLY A 233 -12.93 20.71 9.66
N VAL A 234 -13.30 21.82 9.04
CA VAL A 234 -14.43 21.87 8.10
C VAL A 234 -13.89 21.63 6.69
N PRO A 235 -14.50 20.68 5.94
CA PRO A 235 -14.09 20.38 4.58
C PRO A 235 -14.02 21.65 3.73
N THR A 236 -13.04 21.76 2.84
CA THR A 236 -12.90 22.93 1.99
C THR A 236 -12.25 22.51 0.68
N THR A 237 -12.47 23.28 -0.39
CA THR A 237 -11.74 23.04 -1.63
C THR A 237 -10.76 24.16 -1.87
N ASN A 238 -10.62 25.06 -0.89
CA ASN A 238 -9.71 26.20 -1.04
C ASN A 238 -8.27 25.90 -0.61
N PRO A 239 -7.32 25.88 -1.56
CA PRO A 239 -5.94 25.49 -1.22
C PRO A 239 -5.18 26.52 -0.38
N ALA A 240 -5.77 27.68 -0.15
CA ALA A 240 -5.15 28.71 0.70
C ALA A 240 -4.96 28.19 2.12
N VAL A 241 -5.79 27.24 2.55
CA VAL A 241 -5.63 26.63 3.89
C VAL A 241 -4.30 25.89 4.08
N MSE A 242 -3.61 25.52 3.00
CA MSE A 242 -2.30 24.87 3.11
C MSE A 242 -1.17 25.84 2.86
O MSE A 242 0.00 25.49 3.04
CB MSE A 242 -2.14 23.73 2.10
CG MSE A 242 -3.10 22.58 2.27
SE MSE A 242 -3.26 22.05 4.16
CE MSE A 242 -1.43 21.46 4.60
N GLN A 243 -1.50 27.04 2.43
CA GLN A 243 -0.48 27.98 1.92
C GLN A 243 -0.45 29.31 2.68
N GLU A 244 -1.43 29.55 3.55
CA GLU A 244 -1.52 30.78 4.33
C GLU A 244 -1.98 30.46 5.75
N SER A 245 -1.67 31.32 6.72
CA SER A 245 -2.28 31.20 8.05
C SER A 245 -3.70 31.75 8.05
N PRO A 246 -4.63 31.10 8.79
CA PRO A 246 -4.51 29.89 9.62
C PRO A 246 -4.44 28.61 8.79
N LEU A 247 -3.43 27.76 9.06
CA LEU A 247 -3.28 26.51 8.32
C LEU A 247 -4.37 25.50 8.64
N GLY A 248 -4.89 24.86 7.59
CA GLY A 248 -5.76 23.71 7.74
C GLY A 248 -4.91 22.46 7.60
N SER A 249 -5.47 21.42 7.01
CA SER A 249 -4.80 20.16 7.01
C SER A 249 -5.18 19.37 5.75
N LEU A 250 -4.26 18.55 5.23
CA LEU A 250 -4.64 17.57 4.22
C LEU A 250 -5.39 16.40 4.86
N LEU A 251 -6.28 15.79 4.08
CA LEU A 251 -6.88 14.52 4.47
C LEU A 251 -6.05 13.38 3.86
N THR A 252 -6.25 12.16 4.37
CA THR A 252 -5.63 10.95 3.80
C THR A 252 -6.47 10.45 2.63
N PHE A 253 -5.87 9.66 1.74
CA PHE A 253 -6.68 9.12 0.64
C PHE A 253 -7.69 8.10 1.18
N ALA A 254 -8.88 8.07 0.58
CA ALA A 254 -9.91 7.05 0.86
C ALA A 254 -10.10 6.86 2.37
N GLU A 255 -10.26 7.97 3.09
CA GLU A 255 -10.52 7.94 4.53
C GLU A 255 -9.55 7.06 5.31
N HIS A 256 -10.03 5.98 5.92
CA HIS A 256 -9.19 5.15 6.81
C HIS A 256 -8.13 4.37 6.07
N LYS A 257 -8.31 4.15 4.76
CA LYS A 257 -7.32 3.38 4.01
C LYS A 257 -5.99 4.11 3.85
N GLY A 258 -6.03 5.38 3.43
CA GLY A 258 -4.82 6.18 3.33
C GLY A 258 -4.23 6.44 4.71
N TYR A 259 -5.09 6.59 5.73
CA TYR A 259 -4.65 6.82 7.09
C TYR A 259 -3.92 5.59 7.66
N ALA A 260 -4.50 4.39 7.46
CA ALA A 260 -3.85 3.18 7.92
C ALA A 260 -2.45 3.05 7.28
N LEU A 261 -2.37 3.32 5.97
CA LEU A 261 -1.08 3.26 5.27
C LEU A 261 -0.10 4.33 5.79
N ALA A 262 -0.56 5.56 5.99
CA ALA A 262 0.29 6.64 6.50
C ALA A 262 0.87 6.30 7.87
N ALA A 263 0.04 5.67 8.72
CA ALA A 263 0.47 5.22 10.05
C ALA A 263 1.47 4.07 9.94
N MSE A 264 1.23 3.08 9.06
CA MSE A 264 2.22 2.02 8.78
C MSE A 264 3.54 2.59 8.26
O MSE A 264 4.60 2.12 8.65
CB MSE A 264 1.71 0.91 7.83
CG MSE A 264 0.44 0.19 8.29
SE MSE A 264 0.50 -0.48 10.17
CE MSE A 264 1.84 -1.88 9.87
N CYS A 265 3.49 3.59 7.35
CA CYS A 265 4.72 4.29 6.94
C CYS A 265 5.44 5.01 8.11
N GLU A 266 4.66 5.65 9.00
CA GLU A 266 5.24 6.32 10.17
C GLU A 266 6.01 5.32 11.05
N ILE A 267 5.42 4.14 11.25
CA ILE A 267 6.03 3.16 12.14
C ILE A 267 7.10 2.32 11.45
N LEU A 268 6.82 1.79 10.25
CA LEU A 268 7.82 0.96 9.55
C LEU A 268 8.98 1.81 9.02
N GLY A 269 8.68 3.03 8.57
CA GLY A 269 9.68 3.99 8.14
C GLY A 269 10.31 4.69 9.33
N GLY A 270 9.58 5.59 9.99
CA GLY A 270 10.11 6.32 11.12
C GLY A 270 10.67 5.53 12.30
N ALA A 271 9.83 4.73 12.97
CA ALA A 271 10.24 4.08 14.21
C ALA A 271 11.19 2.91 13.92
N LEU A 272 10.80 2.02 13.00
CA LEU A 272 11.56 0.80 12.73
C LEU A 272 12.95 1.05 12.08
N SER A 273 13.12 2.17 11.39
CA SER A 273 14.43 2.51 10.79
C SER A 273 15.42 2.98 11.82
N GLY A 274 14.98 3.17 13.06
CA GLY A 274 15.80 3.72 14.12
C GLY A 274 15.69 5.23 14.16
N GLY A 275 14.71 5.82 13.47
CA GLY A 275 14.55 7.27 13.44
C GLY A 275 13.49 7.78 14.40
N LYS A 276 13.00 8.99 14.11
CA LYS A 276 11.96 9.63 14.95
C LYS A 276 10.62 9.55 14.27
N THR A 277 9.59 9.31 15.08
CA THR A 277 8.24 9.51 14.61
C THR A 277 7.82 10.95 14.96
N THR A 278 6.70 11.41 14.39
CA THR A 278 6.17 12.75 14.69
C THR A 278 5.37 12.77 15.98
N HIS A 279 5.74 13.68 16.87
CA HIS A 279 5.03 13.94 18.13
C HIS A 279 5.64 15.21 18.73
N GLN A 280 5.21 15.63 19.92
CA GLN A 280 5.59 16.94 20.49
C GLN A 280 7.12 17.14 20.47
N GLU A 281 7.86 16.24 21.10
N GLU A 281 7.79 16.18 21.09
CA GLU A 281 9.32 16.37 21.22
CA GLU A 281 9.24 16.08 21.27
C GLU A 281 10.04 16.49 19.87
C GLU A 281 10.05 16.27 19.96
N THR A 282 9.48 15.89 18.82
CA THR A 282 10.21 15.78 17.55
C THR A 282 9.85 16.76 16.43
N LEU A 283 8.96 17.71 16.68
CA LEU A 283 8.56 18.69 15.66
C LEU A 283 9.73 19.50 15.15
N GLN A 284 9.83 19.74 13.84
CA GLN A 284 10.87 20.62 13.30
C GLN A 284 10.60 22.10 13.69
N THR A 285 11.66 22.90 13.75
CA THR A 285 11.54 24.33 14.09
C THR A 285 11.42 25.18 12.82
N SER A 286 11.42 24.55 11.65
CA SER A 286 11.33 25.25 10.37
C SER A 286 10.60 24.38 9.35
N PRO A 287 9.76 24.99 8.48
CA PRO A 287 9.09 24.21 7.42
C PRO A 287 10.01 23.75 6.32
N ASP A 288 11.24 24.26 6.33
CA ASP A 288 12.27 23.81 5.39
C ASP A 288 13.14 22.67 5.92
N ALA A 289 13.02 22.37 7.21
CA ALA A 289 13.73 21.23 7.75
C ALA A 289 12.96 19.95 7.39
N ILE A 290 13.16 19.47 6.17
CA ILE A 290 12.48 18.29 5.67
C ILE A 290 13.36 17.08 5.78
N LEU A 291 13.04 16.22 6.75
CA LEU A 291 13.81 15.03 7.07
C LEU A 291 12.93 13.83 6.83
N ASN A 292 13.49 12.81 6.17
CA ASN A 292 12.78 11.58 5.87
C ASN A 292 13.43 10.38 6.57
N CYS A 293 12.61 9.39 6.94
CA CYS A 293 13.11 8.06 7.22
C CYS A 293 12.54 7.14 6.15
N MSE A 294 13.31 6.13 5.76
CA MSE A 294 12.79 5.17 4.79
C MSE A 294 13.28 3.77 5.12
O MSE A 294 14.49 3.57 5.31
CB MSE A 294 13.21 5.54 3.39
CG MSE A 294 12.71 4.57 2.34
SE MSE A 294 13.14 5.07 0.49
CE MSE A 294 15.12 5.19 0.57
N THR A 295 12.35 2.83 5.18
CA THR A 295 12.68 1.41 5.29
C THR A 295 12.35 0.71 3.97
N THR A 296 13.37 0.10 3.37
CA THR A 296 13.27 -0.55 2.06
C THR A 296 13.53 -2.07 2.14
N ILE A 297 12.60 -2.87 1.61
CA ILE A 297 12.80 -4.31 1.46
C ILE A 297 13.13 -4.60 -0.01
N ILE A 298 14.19 -5.37 -0.26
CA ILE A 298 14.69 -5.64 -1.62
C ILE A 298 14.71 -7.14 -1.86
N ILE A 299 14.02 -7.57 -2.91
CA ILE A 299 13.68 -8.99 -3.11
C ILE A 299 14.09 -9.40 -4.53
N ASN A 300 14.90 -10.44 -4.63
CA ASN A 300 15.20 -11.06 -5.91
C ASN A 300 14.01 -11.91 -6.40
N PRO A 301 13.30 -11.45 -7.45
CA PRO A 301 12.08 -12.12 -7.91
C PRO A 301 12.35 -13.52 -8.47
N GLU A 302 13.59 -13.78 -8.84
CA GLU A 302 13.98 -15.04 -9.43
C GLU A 302 13.99 -16.18 -8.44
N LEU A 303 13.90 -15.87 -7.14
CA LEU A 303 13.82 -16.92 -6.12
C LEU A 303 12.50 -17.70 -6.12
N PHE A 304 11.45 -17.07 -6.64
CA PHE A 304 10.11 -17.66 -6.66
C PHE A 304 9.98 -18.65 -7.78
N GLY A 305 9.15 -19.66 -7.58
CA GLY A 305 8.89 -20.65 -8.61
C GLY A 305 7.79 -20.11 -9.49
N ALA A 306 8.16 -19.31 -10.48
CA ALA A 306 7.17 -18.64 -11.33
C ALA A 306 7.62 -18.64 -12.79
N PRO A 307 7.72 -19.83 -13.42
CA PRO A 307 8.25 -19.92 -14.78
C PRO A 307 7.43 -19.14 -15.81
N ASP A 308 6.16 -18.90 -15.50
CA ASP A 308 5.27 -18.22 -16.43
C ASP A 308 5.01 -16.75 -16.07
N CYS A 309 5.81 -16.23 -15.14
CA CYS A 309 5.58 -14.91 -14.62
C CYS A 309 5.48 -13.83 -15.72
N ASN A 310 6.44 -13.83 -16.65
CA ASN A 310 6.47 -12.84 -17.73
C ASN A 310 5.21 -12.86 -18.57
N ALA A 311 4.81 -14.05 -19.01
CA ALA A 311 3.65 -14.19 -19.86
C ALA A 311 2.38 -13.80 -19.11
N GLN A 312 2.29 -14.19 -17.84
CA GLN A 312 1.11 -13.86 -17.06
C GLN A 312 1.00 -12.34 -16.84
N THR A 313 2.14 -11.69 -16.66
CA THR A 313 2.21 -10.24 -16.44
C THR A 313 1.79 -9.50 -17.71
N GLU A 314 2.35 -9.93 -18.84
CA GLU A 314 2.04 -9.35 -20.13
C GLU A 314 0.58 -9.60 -20.55
N ALA A 315 0.05 -10.79 -20.27
CA ALA A 315 -1.35 -11.10 -20.55
C ALA A 315 -2.27 -10.16 -19.76
N PHE A 316 -1.95 -9.93 -18.50
CA PHE A 316 -2.73 -9.01 -17.69
C PHE A 316 -2.61 -7.56 -18.18
N ALA A 317 -1.40 -7.12 -18.51
CA ALA A 317 -1.18 -5.77 -19.03
C ALA A 317 -2.06 -5.50 -20.25
N GLU A 318 -2.11 -6.48 -21.16
CA GLU A 318 -2.88 -6.34 -22.37
C GLU A 318 -4.39 -6.37 -22.07
N TRP A 319 -4.82 -7.26 -21.19
CA TRP A 319 -6.22 -7.41 -20.82
C TRP A 319 -6.77 -6.16 -20.12
N VAL A 320 -5.98 -5.59 -19.21
CA VAL A 320 -6.47 -4.47 -18.40
C VAL A 320 -6.66 -3.22 -19.29
N LYS A 321 -5.80 -3.07 -20.29
CA LYS A 321 -5.85 -1.94 -21.21
C LYS A 321 -6.98 -2.05 -22.23
N ALA A 322 -7.57 -3.24 -22.39
CA ALA A 322 -8.67 -3.45 -23.31
C ALA A 322 -10.01 -2.99 -22.71
N SER A 323 -10.02 -2.58 -21.45
CA SER A 323 -11.25 -2.05 -20.85
C SER A 323 -11.70 -0.85 -21.68
N PRO A 324 -13.01 -0.77 -21.99
CA PRO A 324 -13.47 0.42 -22.73
C PRO A 324 -13.10 1.74 -22.03
N HIS A 325 -12.77 2.76 -22.81
CA HIS A 325 -12.28 4.05 -22.29
C HIS A 325 -12.44 5.15 -23.33
N ASP A 326 -12.44 6.42 -22.88
CA ASP A 326 -12.34 7.58 -23.79
C ASP A 326 -11.01 7.47 -24.47
N ASP A 327 -10.95 7.95 -25.72
CA ASP A 327 -9.72 7.90 -26.51
C ASP A 327 -8.60 8.74 -25.90
N ASP A 328 -8.98 9.82 -25.24
CA ASP A 328 -8.02 10.74 -24.61
C ASP A 328 -7.59 10.27 -23.23
N LYS A 329 -8.21 9.21 -22.72
CA LYS A 329 -7.89 8.67 -21.40
C LYS A 329 -7.66 7.17 -21.42
N PRO A 330 -6.59 6.71 -22.09
CA PRO A 330 -6.29 5.27 -22.08
C PRO A 330 -5.83 4.76 -20.70
N ILE A 331 -6.00 3.46 -20.46
CA ILE A 331 -5.56 2.84 -19.22
C ILE A 331 -4.04 2.81 -19.21
N LEU A 332 -3.43 3.21 -18.10
CA LEU A 332 -1.98 3.11 -17.95
C LEU A 332 -1.63 1.99 -16.97
N LEU A 333 -0.43 1.44 -17.10
CA LEU A 333 0.15 0.61 -16.06
C LEU A 333 0.77 1.52 -14.99
N PRO A 334 0.89 1.02 -13.74
CA PRO A 334 1.63 1.79 -12.74
C PRO A 334 3.03 2.10 -13.28
N GLY A 335 3.48 3.35 -13.20
CA GLY A 335 4.81 3.72 -13.66
C GLY A 335 4.85 4.21 -15.11
N GLU A 336 3.81 3.91 -15.88
CA GLU A 336 3.74 4.31 -17.29
C GLU A 336 3.56 5.83 -17.50
N TRP A 337 2.84 6.47 -16.59
CA TRP A 337 2.66 7.91 -16.61
C TRP A 337 4.02 8.66 -16.61
N GLU A 338 4.92 8.24 -15.72
CA GLU A 338 6.27 8.82 -15.62
C GLU A 338 7.10 8.57 -16.88
N VAL A 339 7.04 7.33 -17.39
CA VAL A 339 7.70 6.95 -18.63
C VAL A 339 7.25 7.83 -19.81
N ASN A 340 5.94 8.04 -19.94
CA ASN A 340 5.40 8.86 -21.05
C ASN A 340 5.79 10.34 -20.92
N THR A 341 5.72 10.87 -19.70
CA THR A 341 6.10 12.26 -19.42
C THR A 341 7.56 12.51 -19.76
N ARG A 342 8.41 11.61 -19.27
CA ARG A 342 9.85 11.61 -19.52
C ARG A 342 10.12 11.69 -21.04
N ARG A 343 9.46 10.84 -21.83
CA ARG A 343 9.61 10.84 -23.27
C ARG A 343 9.22 12.19 -23.89
N GLU A 344 8.05 12.69 -23.51
CA GLU A 344 7.60 14.00 -23.94
C GLU A 344 8.61 15.11 -23.54
N ARG A 345 9.09 15.06 -22.30
CA ARG A 345 9.97 16.11 -21.79
C ARG A 345 11.41 16.05 -22.32
N GLN A 346 11.90 14.86 -22.65
CA GLN A 346 13.18 14.74 -23.37
C GLN A 346 13.09 15.38 -24.74
N LYS A 347 11.95 15.23 -25.39
CA LYS A 347 11.75 15.78 -26.72
C LYS A 347 11.45 17.30 -26.69
N GLN A 348 10.58 17.73 -25.79
CA GLN A 348 10.04 19.09 -25.80
C GLN A 348 10.69 20.05 -24.82
N GLY A 349 11.42 19.49 -23.84
CA GLY A 349 11.97 20.31 -22.77
C GLY A 349 11.13 20.19 -21.51
N ILE A 350 11.72 20.59 -20.41
CA ILE A 350 11.07 20.59 -19.14
C ILE A 350 10.38 21.94 -19.00
N PRO A 351 9.04 21.94 -18.74
CA PRO A 351 8.35 23.21 -18.52
C PRO A 351 8.60 23.71 -17.10
N LEU A 352 8.89 24.99 -16.95
CA LEU A 352 8.99 25.59 -15.62
C LEU A 352 8.16 26.83 -15.65
N ASP A 353 7.31 26.99 -14.64
CA ASP A 353 6.54 28.24 -14.59
C ASP A 353 7.48 29.40 -14.24
N ALA A 354 7.09 30.60 -14.65
CA ALA A 354 7.94 31.77 -14.55
C ALA A 354 8.28 32.15 -13.09
N GLY A 355 7.38 31.87 -12.16
CA GLY A 355 7.56 32.23 -10.76
C GLY A 355 8.58 31.35 -10.07
N SER A 356 8.51 30.05 -10.35
CA SER A 356 9.47 29.10 -9.83
C SER A 356 10.87 29.41 -10.39
N TRP A 357 10.95 29.69 -11.70
CA TRP A 357 12.22 30.04 -12.33
C TRP A 357 12.89 31.31 -11.75
N GLN A 358 12.09 32.34 -11.49
CA GLN A 358 12.52 33.57 -10.85
C GLN A 358 13.07 33.28 -9.45
N ALA A 359 12.31 32.50 -8.67
CA ALA A 359 12.73 32.09 -7.33
C ALA A 359 14.07 31.33 -7.38
N ILE A 360 14.22 30.43 -8.36
CA ILE A 360 15.44 29.66 -8.54
C ILE A 360 16.66 30.58 -8.86
N CYS A 361 16.49 31.49 -9.80
CA CYS A 361 17.52 32.41 -10.19
C CYS A 361 17.86 33.32 -9.04
N ASP A 362 16.85 33.88 -8.37
CA ASP A 362 17.10 34.75 -7.21
C ASP A 362 17.88 33.98 -6.12
N ALA A 363 17.50 32.73 -5.87
CA ALA A 363 18.16 31.93 -4.85
C ALA A 363 19.62 31.67 -5.20
N ALA A 364 19.91 31.44 -6.50
CA ALA A 364 21.27 31.26 -6.99
C ALA A 364 22.10 32.51 -6.82
N ARG A 365 21.52 33.67 -7.14
CA ARG A 365 22.16 34.96 -6.88
C ARG A 365 22.53 35.07 -5.40
N GLN A 366 21.60 34.72 -4.51
CA GLN A 366 21.82 34.98 -3.08
C GLN A 366 22.91 34.10 -2.46
N ILE A 367 23.13 32.92 -3.03
CA ILE A 367 24.25 32.06 -2.59
C ILE A 367 25.58 32.37 -3.25
N GLY A 368 25.59 33.39 -4.10
CA GLY A 368 26.82 33.96 -4.62
C GLY A 368 27.12 33.60 -6.06
N MSE A 369 26.21 32.96 -6.80
CA MSE A 369 26.51 32.73 -8.22
C MSE A 369 26.61 34.10 -8.92
O MSE A 369 25.67 34.89 -8.85
CB MSE A 369 25.46 31.86 -8.91
CG MSE A 369 25.75 31.81 -10.38
SE MSE A 369 24.61 30.54 -11.35
CE MSE A 369 25.52 28.86 -10.86
N PRO A 370 27.78 34.40 -9.54
CA PRO A 370 27.92 35.71 -10.20
C PRO A 370 26.84 35.96 -11.25
N GLU A 371 26.35 37.20 -11.33
CA GLU A 371 25.37 37.57 -12.34
C GLU A 371 25.78 37.14 -13.78
N GLU A 372 27.05 37.30 -14.12
CA GLU A 372 27.53 36.92 -15.43
C GLU A 372 27.48 35.41 -15.72
N THR A 373 27.59 34.58 -14.68
CA THR A 373 27.49 33.14 -14.81
C THR A 373 26.03 32.76 -15.07
N LEU A 374 25.16 33.39 -14.30
CA LEU A 374 23.75 33.17 -14.44
C LEU A 374 23.25 33.64 -15.84
N GLN A 375 23.70 34.81 -16.28
CA GLN A 375 23.45 35.28 -17.66
C GLN A 375 23.90 34.28 -18.75
N ALA A 376 25.10 33.72 -18.60
CA ALA A 376 25.64 32.77 -19.57
C ALA A 376 24.81 31.48 -19.60
N PHE A 377 24.39 30.98 -18.44
CA PHE A 377 23.49 29.83 -18.37
C PHE A 377 22.15 30.11 -19.04
N CYS A 378 21.57 31.29 -18.77
CA CYS A 378 20.31 31.70 -19.38
C CYS A 378 20.43 31.77 -20.88
N GLN A 379 21.55 32.26 -21.39
CA GLN A 379 21.75 32.30 -22.83
C GLN A 379 21.83 30.87 -23.41
N GLN A 380 22.50 29.96 -22.70
CA GLN A 380 22.57 28.56 -23.12
C GLN A 380 21.21 27.87 -23.09
N LEU A 381 20.40 28.25 -22.10
CA LEU A 381 19.09 27.68 -21.90
C LEU A 381 18.04 28.28 -22.86
N ALA A 382 18.35 29.42 -23.47
CA ALA A 382 17.46 30.07 -24.42
C ALA A 382 17.45 29.36 -25.78
N SER A 383 18.56 28.71 -26.12
CA SER A 383 18.71 27.88 -27.35
C SER A 383 17.73 26.66 -27.43
N GLY B 26 -32.87 -10.67 13.06
CA GLY B 26 -31.71 -11.61 13.06
C GLY B 26 -31.56 -12.44 14.34
N HIS B 27 -30.29 -12.72 14.69
N HIS B 27 -30.31 -12.67 14.77
CA HIS B 27 -29.88 -13.56 15.84
CA HIS B 27 -30.02 -13.20 16.12
C HIS B 27 -28.50 -13.07 16.42
C HIS B 27 -28.54 -13.12 16.43
N ARG B 28 -28.21 -13.35 17.69
CA ARG B 28 -26.83 -13.26 18.21
C ARG B 28 -26.37 -14.60 18.75
N PHE B 29 -25.26 -15.09 18.22
CA PHE B 29 -24.78 -16.43 18.52
C PHE B 29 -23.50 -16.41 19.36
N ASP B 30 -23.47 -17.26 20.38
CA ASP B 30 -22.25 -17.53 21.13
C ASP B 30 -21.13 -18.09 20.22
N ALA B 31 -19.98 -17.42 20.22
CA ALA B 31 -18.88 -17.75 19.31
C ALA B 31 -18.41 -19.19 19.43
N GLN B 32 -18.26 -19.67 20.66
CA GLN B 32 -17.76 -21.01 20.89
C GLN B 32 -18.73 -22.09 20.38
N THR B 33 -20.03 -21.88 20.59
CA THR B 33 -21.05 -22.80 20.07
C THR B 33 -21.11 -22.76 18.54
N LEU B 34 -21.01 -21.54 17.99
CA LEU B 34 -21.04 -21.35 16.55
C LEU B 34 -19.84 -22.07 15.91
N HIS B 35 -18.68 -22.00 16.58
CA HIS B 35 -17.49 -22.72 16.17
C HIS B 35 -17.70 -24.24 16.09
N SER B 36 -18.32 -24.83 17.13
CA SER B 36 -18.65 -26.27 17.11
C SER B 36 -19.54 -26.62 15.95
N PHE B 37 -20.53 -25.77 15.71
CA PHE B 37 -21.43 -25.97 14.59
C PHE B 37 -20.69 -25.98 13.26
N ILE B 38 -19.91 -24.92 12.98
CA ILE B 38 -19.17 -24.77 11.74
C ILE B 38 -18.25 -25.98 11.51
N GLN B 39 -17.52 -26.36 12.54
CA GLN B 39 -16.60 -27.47 12.47
C GLN B 39 -17.35 -28.77 12.08
N ALA B 40 -18.52 -28.99 12.67
CA ALA B 40 -19.32 -30.17 12.40
C ALA B 40 -19.88 -30.18 10.98
N VAL B 41 -20.12 -28.99 10.44
CA VAL B 41 -20.67 -28.84 9.12
C VAL B 41 -19.61 -29.24 8.11
N PHE B 42 -18.36 -28.83 8.37
CA PHE B 42 -17.27 -29.24 7.51
C PHE B 42 -16.90 -30.71 7.64
N ARG B 43 -17.00 -31.29 8.84
CA ARG B 43 -16.88 -32.75 8.96
C ARG B 43 -17.94 -33.43 8.10
N GLN B 44 -19.18 -32.94 8.15
CA GLN B 44 -20.25 -33.50 7.34
C GLN B 44 -19.96 -33.41 5.83
N MSE B 45 -19.38 -32.27 5.41
CA MSE B 45 -18.98 -32.07 4.03
C MSE B 45 -17.95 -33.12 3.59
O MSE B 45 -17.91 -33.52 2.43
CB MSE B 45 -18.43 -30.66 3.85
CG MSE B 45 -18.44 -30.17 2.45
SE MSE B 45 -17.88 -28.31 2.35
CE MSE B 45 -17.48 -28.27 0.44
N GLY B 46 -17.11 -33.53 4.54
CA GLY B 46 -16.13 -34.57 4.30
C GLY B 46 -14.74 -34.27 4.82
N SER B 47 -14.50 -33.07 5.32
CA SER B 47 -13.22 -32.66 5.88
C SER B 47 -12.78 -33.55 7.02
N GLU B 48 -11.50 -33.86 7.09
CA GLU B 48 -10.97 -34.52 8.28
C GLU B 48 -10.91 -33.51 9.41
N GLU B 49 -10.68 -34.01 10.62
CA GLU B 49 -10.83 -33.18 11.81
C GLU B 49 -9.98 -31.89 11.81
N GLN B 50 -8.71 -32.03 11.44
CA GLN B 50 -7.80 -30.89 11.45
C GLN B 50 -8.19 -29.84 10.39
N GLU B 51 -8.54 -30.27 9.19
CA GLU B 51 -9.07 -29.35 8.18
C GLU B 51 -10.33 -28.61 8.68
N ALA B 52 -11.29 -29.35 9.22
CA ALA B 52 -12.54 -28.77 9.74
C ALA B 52 -12.25 -27.75 10.86
N LYS B 53 -11.32 -28.10 11.76
CA LYS B 53 -10.87 -27.18 12.80
C LYS B 53 -10.26 -25.91 12.18
N LEU B 54 -9.34 -26.07 11.23
CA LEU B 54 -8.69 -24.91 10.59
C LEU B 54 -9.68 -23.99 9.86
N VAL B 55 -10.65 -24.59 9.16
CA VAL B 55 -11.68 -23.79 8.50
C VAL B 55 -12.53 -23.04 9.54
N ALA B 56 -13.01 -23.75 10.58
CA ALA B 56 -13.78 -23.12 11.64
C ALA B 56 -13.02 -21.99 12.36
N ASP B 57 -11.73 -22.20 12.67
CA ASP B 57 -10.92 -21.20 13.34
C ASP B 57 -10.89 -19.90 12.54
N HIS B 58 -10.60 -20.01 11.25
CA HIS B 58 -10.53 -18.83 10.42
C HIS B 58 -11.89 -18.14 10.27
N LEU B 59 -12.96 -18.89 9.99
CA LEU B 59 -14.30 -18.29 9.78
C LEU B 59 -14.81 -17.55 11.02
N ILE B 60 -14.74 -18.20 12.19
CA ILE B 60 -15.19 -17.59 13.43
C ILE B 60 -14.34 -16.36 13.81
N ALA B 61 -13.02 -16.44 13.61
CA ALA B 61 -12.18 -15.27 13.81
C ALA B 61 -12.58 -14.08 12.93
N ALA B 62 -13.03 -14.33 11.71
CA ALA B 62 -13.44 -13.26 10.81
C ALA B 62 -14.73 -12.58 11.32
N ASN B 63 -15.69 -13.39 11.79
CA ASN B 63 -16.91 -12.88 12.42
C ASN B 63 -16.60 -12.10 13.70
N LEU B 64 -15.70 -12.63 14.53
CA LEU B 64 -15.30 -11.93 15.76
C LEU B 64 -14.66 -10.57 15.44
N ALA B 65 -13.77 -10.52 14.46
CA ALA B 65 -13.11 -9.28 14.02
C ALA B 65 -14.06 -8.31 13.32
N GLY B 66 -15.29 -8.74 13.05
CA GLY B 66 -16.25 -7.87 12.38
C GLY B 66 -16.20 -7.90 10.87
N HIS B 67 -15.45 -8.84 10.30
CA HIS B 67 -15.39 -8.99 8.85
C HIS B 67 -16.26 -10.16 8.37
N ASP B 68 -17.58 -9.98 8.49
CA ASP B 68 -18.56 -11.03 8.31
C ASP B 68 -18.63 -11.64 6.90
N SER B 69 -18.25 -10.88 5.88
CA SER B 69 -18.17 -11.46 4.52
C SER B 69 -17.25 -12.65 4.43
N HIS B 70 -16.22 -12.70 5.27
CA HIS B 70 -15.23 -13.78 5.26
C HIS B 70 -15.43 -14.76 6.41
N GLY B 71 -16.58 -14.67 7.08
CA GLY B 71 -16.89 -15.52 8.21
C GLY B 71 -17.78 -16.68 7.82
N ILE B 72 -18.54 -17.20 8.78
CA ILE B 72 -19.37 -18.38 8.57
C ILE B 72 -20.28 -18.26 7.32
N GLY B 73 -20.63 -17.02 6.94
CA GLY B 73 -21.46 -16.79 5.77
C GLY B 73 -20.87 -17.25 4.44
N MSE B 74 -19.55 -17.51 4.40
CA MSE B 74 -18.88 -18.09 3.22
C MSE B 74 -19.28 -19.56 2.93
O MSE B 74 -19.13 -20.04 1.79
CB MSE B 74 -17.36 -18.02 3.37
CG MSE B 74 -16.77 -16.63 3.19
SE MSE B 74 -17.33 -15.80 1.45
CE MSE B 74 -16.65 -17.16 0.19
N PHE B 75 -19.77 -20.26 3.96
CA PHE B 75 -20.04 -21.72 3.87
C PHE B 75 -20.93 -22.11 2.67
N PRO B 76 -22.10 -21.45 2.47
CA PRO B 76 -22.87 -21.79 1.25
C PRO B 76 -22.11 -21.66 -0.08
N SER B 77 -21.34 -20.57 -0.23
CA SER B 77 -20.48 -20.37 -1.40
C SER B 77 -19.40 -21.48 -1.55
N TYR B 78 -18.79 -21.89 -0.44
CA TYR B 78 -17.82 -22.97 -0.45
C TYR B 78 -18.46 -24.29 -0.93
N VAL B 79 -19.69 -24.59 -0.48
CA VAL B 79 -20.39 -25.79 -0.93
C VAL B 79 -20.67 -25.72 -2.44
N ARG B 80 -21.09 -24.56 -2.94
CA ARG B 80 -21.31 -24.40 -4.38
C ARG B 80 -20.00 -24.62 -5.13
N SER B 81 -18.94 -24.00 -4.65
CA SER B 81 -17.63 -24.08 -5.29
C SER B 81 -17.16 -25.54 -5.40
N TRP B 82 -17.21 -26.25 -4.26
CA TRP B 82 -16.89 -27.66 -4.17
C TRP B 82 -17.76 -28.53 -5.13
N SER B 83 -19.07 -28.29 -5.14
CA SER B 83 -19.96 -29.05 -6.00
C SER B 83 -19.63 -28.87 -7.49
N GLN B 84 -19.03 -27.74 -7.81
CA GLN B 84 -18.73 -27.37 -9.19
C GLN B 84 -17.30 -27.76 -9.55
N GLY B 85 -16.61 -28.42 -8.62
CA GLY B 85 -15.27 -28.95 -8.86
C GLY B 85 -14.11 -27.99 -8.66
N HIS B 86 -14.35 -26.88 -7.96
CA HIS B 86 -13.30 -25.88 -7.70
C HIS B 86 -12.64 -26.14 -6.35
N LEU B 87 -13.27 -25.72 -5.26
CA LEU B 87 -12.77 -26.05 -3.93
C LEU B 87 -12.61 -27.58 -3.80
N GLN B 88 -11.46 -28.01 -3.27
CA GLN B 88 -11.20 -29.44 -3.03
C GLN B 88 -11.09 -29.70 -1.54
N ILE B 89 -11.82 -30.69 -1.03
CA ILE B 89 -11.69 -31.05 0.39
C ILE B 89 -10.49 -31.97 0.65
N ASN B 90 -9.89 -31.82 1.83
CA ASN B 90 -8.73 -32.61 2.25
C ASN B 90 -7.52 -32.50 1.34
N HIS B 91 -7.24 -31.28 0.86
CA HIS B 91 -6.03 -30.99 0.11
C HIS B 91 -5.06 -30.20 0.98
N HIS B 92 -3.86 -30.00 0.45
CA HIS B 92 -2.76 -29.36 1.18
C HIS B 92 -1.92 -28.54 0.24
N ALA B 93 -1.21 -27.55 0.76
CA ALA B 93 -0.22 -26.83 -0.05
C ALA B 93 1.01 -27.71 -0.27
N LYS B 94 1.53 -27.73 -1.50
CA LYS B 94 2.71 -28.50 -1.84
C LYS B 94 3.87 -27.56 -2.16
N THR B 95 5.05 -27.86 -1.64
CA THR B 95 6.25 -27.08 -1.93
C THR B 95 6.76 -27.40 -3.33
N VAL B 96 6.68 -26.42 -4.21
CA VAL B 96 7.08 -26.60 -5.63
C VAL B 96 8.44 -26.01 -5.91
N LYS B 97 8.88 -25.09 -5.06
CA LYS B 97 10.23 -24.53 -5.15
C LYS B 97 10.68 -24.04 -3.78
N GLU B 98 11.96 -24.23 -3.51
CA GLU B 98 12.56 -23.72 -2.32
C GLU B 98 13.97 -23.27 -2.65
N ALA B 99 14.19 -21.96 -2.63
CA ALA B 99 15.47 -21.40 -3.06
C ALA B 99 15.80 -20.29 -2.10
N GLY B 100 16.83 -20.50 -1.28
CA GLY B 100 17.35 -19.42 -0.43
C GLY B 100 16.31 -19.06 0.60
N ALA B 101 15.96 -17.79 0.68
CA ALA B 101 14.97 -17.33 1.66
C ALA B 101 13.52 -17.42 1.15
N ALA B 102 13.30 -17.98 -0.04
CA ALA B 102 11.95 -18.03 -0.65
C ALA B 102 11.41 -19.44 -0.85
N VAL B 103 10.19 -19.67 -0.38
CA VAL B 103 9.51 -20.93 -0.64
C VAL B 103 8.24 -20.64 -1.46
N THR B 104 7.97 -21.46 -2.47
CA THR B 104 6.81 -21.32 -3.35
C THR B 104 5.94 -22.58 -3.21
N LEU B 105 4.64 -22.36 -3.00
CA LEU B 105 3.67 -23.45 -2.79
C LEU B 105 2.53 -23.39 -3.78
N ASP B 106 2.04 -24.57 -4.12
CA ASP B 106 0.81 -24.73 -4.87
C ASP B 106 -0.25 -25.18 -3.87
N GLY B 107 -1.32 -24.40 -3.75
CA GLY B 107 -2.40 -24.69 -2.83
C GLY B 107 -3.31 -25.85 -3.23
N ASP B 108 -3.22 -26.30 -4.49
CA ASP B 108 -3.95 -27.49 -4.98
C ASP B 108 -5.46 -27.31 -4.78
N ARG B 109 -5.90 -26.06 -4.82
CA ARG B 109 -7.29 -25.66 -4.56
C ARG B 109 -7.85 -26.14 -3.23
N ALA B 110 -6.97 -26.34 -2.24
CA ALA B 110 -7.39 -26.67 -0.88
C ALA B 110 -8.15 -25.48 -0.30
N PHE B 111 -8.98 -25.73 0.73
CA PHE B 111 -9.46 -24.64 1.58
C PHE B 111 -8.29 -23.66 1.81
N GLY B 112 -8.53 -22.38 1.54
CA GLY B 112 -7.51 -21.36 1.82
C GLY B 112 -7.15 -21.32 3.31
N GLN B 113 -8.13 -21.67 4.15
CA GLN B 113 -7.93 -21.72 5.59
C GLN B 113 -6.90 -22.79 5.97
N VAL B 114 -6.70 -23.76 5.08
CA VAL B 114 -5.67 -24.80 5.23
C VAL B 114 -4.37 -24.34 4.54
N ALA B 115 -4.44 -24.07 3.24
CA ALA B 115 -3.27 -23.77 2.43
C ALA B 115 -2.52 -22.55 2.95
N ALA B 116 -3.25 -21.49 3.30
CA ALA B 116 -2.57 -20.29 3.80
C ALA B 116 -2.00 -20.50 5.21
N HIS B 117 -2.66 -21.34 6.02
CA HIS B 117 -2.12 -21.69 7.34
C HIS B 117 -0.75 -22.42 7.21
N GLU B 118 -0.71 -23.38 6.29
CA GLU B 118 0.49 -24.13 5.97
C GLU B 118 1.54 -23.20 5.39
N ALA B 119 1.15 -22.28 4.51
CA ALA B 119 2.10 -21.26 4.00
C ALA B 119 2.72 -20.37 5.09
N MSE B 120 1.90 -19.85 6.01
CA MSE B 120 2.42 -19.00 7.09
C MSE B 120 3.41 -19.77 7.95
O MSE B 120 4.48 -19.26 8.25
CB MSE B 120 1.32 -18.41 7.95
CG MSE B 120 0.50 -17.32 7.28
SE MSE B 120 1.49 -15.96 6.19
CE MSE B 120 1.60 -16.89 4.44
N ALA B 121 3.07 -21.01 8.33
CA ALA B 121 3.96 -21.87 9.11
C ALA B 121 5.32 -22.08 8.45
N LEU B 122 5.32 -22.42 7.17
CA LEU B 122 6.58 -22.55 6.43
C LEU B 122 7.33 -21.24 6.29
N GLY B 123 6.61 -20.15 6.03
CA GLY B 123 7.23 -18.84 5.92
C GLY B 123 7.84 -18.34 7.21
N ILE B 124 7.13 -18.52 8.32
CA ILE B 124 7.63 -18.14 9.64
C ILE B 124 8.87 -18.95 10.01
N GLU B 125 8.87 -20.26 9.75
CA GLU B 125 10.06 -21.09 9.95
C GLU B 125 11.24 -20.54 9.13
N LYS B 126 11.00 -20.26 7.85
CA LYS B 126 12.03 -19.76 6.98
C LYS B 126 12.59 -18.40 7.44
N ALA B 127 11.73 -17.56 7.99
CA ALA B 127 12.14 -16.28 8.54
C ALA B 127 12.91 -16.43 9.85
N HIS B 128 12.58 -17.45 10.67
CA HIS B 128 13.43 -17.81 11.79
C HIS B 128 14.84 -18.12 11.31
N GLN B 129 14.94 -18.86 10.20
N GLN B 129 14.96 -18.88 10.22
CA GLN B 129 16.23 -19.31 9.66
CA GLN B 129 16.29 -19.27 9.72
C GLN B 129 17.02 -18.21 8.94
C GLN B 129 17.03 -18.13 9.02
N HIS B 130 16.33 -17.34 8.22
CA HIS B 130 16.97 -16.35 7.33
C HIS B 130 16.88 -14.89 7.78
N GLY B 131 16.04 -14.61 8.77
CA GLY B 131 15.81 -13.23 9.24
C GLY B 131 14.74 -12.52 8.41
N ILE B 132 14.87 -12.62 7.08
CA ILE B 132 13.89 -12.10 6.14
C ILE B 132 13.63 -13.21 5.14
N ALA B 133 12.38 -13.58 4.97
CA ALA B 133 12.05 -14.69 4.11
C ALA B 133 10.80 -14.31 3.28
N ALA B 134 10.48 -15.12 2.28
CA ALA B 134 9.23 -14.94 1.54
C ALA B 134 8.57 -16.30 1.36
N VAL B 135 7.23 -16.30 1.38
CA VAL B 135 6.46 -17.45 0.98
C VAL B 135 5.42 -17.02 -0.07
N ALA B 136 5.45 -17.68 -1.23
CA ALA B 136 4.47 -17.45 -2.29
C ALA B 136 3.50 -18.62 -2.33
N LEU B 137 2.22 -18.32 -2.44
CA LEU B 137 1.18 -19.33 -2.49
C LEU B 137 0.30 -19.05 -3.71
N HIS B 138 0.26 -19.96 -4.68
CA HIS B 138 -0.65 -19.82 -5.79
C HIS B 138 -1.69 -20.92 -5.78
N ASN B 139 -2.80 -20.70 -6.48
CA ASN B 139 -3.80 -21.73 -6.72
C ASN B 139 -4.42 -22.28 -5.42
N SER B 140 -4.68 -21.40 -4.45
CA SER B 140 -5.35 -21.79 -3.24
C SER B 140 -6.81 -21.40 -3.39
N HIS B 141 -7.73 -22.18 -2.81
CA HIS B 141 -9.09 -21.66 -2.69
C HIS B 141 -9.11 -20.46 -1.71
N HIS B 142 -10.14 -19.61 -1.83
CA HIS B 142 -10.36 -18.43 -1.00
C HIS B 142 -9.64 -18.45 0.33
N ILE B 143 -8.70 -17.52 0.50
CA ILE B 143 -7.97 -17.40 1.77
C ILE B 143 -8.60 -16.46 2.80
N GLY B 144 -9.78 -15.91 2.49
CA GLY B 144 -10.54 -15.13 3.44
C GLY B 144 -9.95 -13.79 3.88
N ARG B 145 -10.04 -13.55 5.18
CA ARG B 145 -9.54 -12.33 5.80
C ARG B 145 -8.02 -12.35 5.85
N ILE B 146 -7.36 -11.47 5.10
CA ILE B 146 -5.89 -11.51 5.01
C ILE B 146 -5.20 -11.21 6.34
N GLY B 147 -5.80 -10.35 7.14
CA GLY B 147 -5.22 -9.94 8.40
C GLY B 147 -5.02 -11.12 9.34
N TYR B 148 -5.81 -12.16 9.14
CA TYR B 148 -5.65 -13.37 9.92
C TYR B 148 -4.26 -14.01 9.73
N TRP B 149 -3.77 -14.08 8.49
CA TRP B 149 -2.42 -14.62 8.19
C TRP B 149 -1.31 -13.70 8.74
N ALA B 150 -1.55 -12.39 8.65
CA ALA B 150 -0.65 -11.39 9.18
C ALA B 150 -0.56 -11.51 10.70
N GLU B 151 -1.71 -11.80 11.34
CA GLU B 151 -1.75 -12.01 12.79
C GLU B 151 -0.91 -13.19 13.24
N GLN B 152 -0.84 -14.25 12.42
CA GLN B 152 0.06 -15.37 12.73
C GLN B 152 1.50 -14.96 12.68
N CYS B 153 1.88 -14.20 11.65
CA CYS B 153 3.24 -13.70 11.54
C CYS B 153 3.57 -12.81 12.72
N ALA B 154 2.65 -11.89 13.05
CA ALA B 154 2.88 -10.93 14.15
C ALA B 154 2.94 -11.64 15.50
N ALA B 155 2.12 -12.68 15.68
CA ALA B 155 2.15 -13.42 16.94
C ALA B 155 3.51 -14.11 17.13
N ALA B 156 4.17 -14.50 16.04
CA ALA B 156 5.50 -15.12 16.06
C ALA B 156 6.63 -14.08 16.16
N GLY B 157 6.27 -12.79 16.19
CA GLY B 157 7.24 -11.70 16.39
C GLY B 157 7.68 -10.96 15.13
N PHE B 158 7.03 -11.21 13.98
CA PHE B 158 7.49 -10.69 12.68
C PHE B 158 6.61 -9.61 12.09
N VAL B 159 7.24 -8.75 11.29
CA VAL B 159 6.55 -7.89 10.35
C VAL B 159 6.23 -8.76 9.12
N SER B 160 5.03 -8.61 8.57
CA SER B 160 4.73 -9.23 7.30
C SER B 160 3.99 -8.28 6.34
N ILE B 161 4.17 -8.51 5.05
CA ILE B 161 3.58 -7.73 3.97
C ILE B 161 2.99 -8.75 2.98
N HIS B 162 1.73 -8.56 2.58
CA HIS B 162 0.99 -9.53 1.78
C HIS B 162 0.40 -8.85 0.56
N PHE B 163 0.66 -9.43 -0.62
CA PHE B 163 0.10 -8.99 -1.89
C PHE B 163 -0.81 -10.12 -2.36
N VAL B 164 -2.09 -9.84 -2.52
CA VAL B 164 -3.08 -10.89 -2.78
C VAL B 164 -3.86 -10.61 -4.08
N SER B 165 -4.02 -11.62 -4.95
CA SER B 165 -4.90 -11.47 -6.10
C SER B 165 -6.04 -12.52 -6.07
N VAL B 166 -7.17 -12.16 -6.70
CA VAL B 166 -8.30 -13.08 -6.89
C VAL B 166 -8.25 -13.51 -8.37
N VAL B 167 -8.07 -14.81 -8.61
CA VAL B 167 -7.79 -15.29 -9.98
C VAL B 167 -9.04 -15.41 -10.85
N GLY B 168 -9.09 -14.63 -11.93
CA GLY B 168 -10.09 -14.82 -12.96
C GLY B 168 -11.53 -14.51 -12.58
N ILE B 169 -11.71 -13.68 -11.55
CA ILE B 169 -13.02 -13.09 -11.28
C ILE B 169 -12.91 -11.55 -11.36
N PRO B 170 -13.12 -10.98 -12.56
CA PRO B 170 -13.04 -9.53 -12.66
C PRO B 170 -14.25 -8.86 -12.02
N MSE B 171 -13.98 -7.98 -11.09
CA MSE B 171 -15.04 -7.30 -10.35
C MSE B 171 -14.83 -5.79 -10.25
O MSE B 171 -15.75 -5.05 -9.91
CB MSE B 171 -15.05 -7.90 -8.97
CG MSE B 171 -16.30 -8.66 -8.69
SE MSE B 171 -16.16 -8.90 -6.73
CE MSE B 171 -15.45 -10.76 -6.70
N VAL B 172 -13.60 -5.37 -10.53
CA VAL B 172 -13.16 -4.01 -10.33
C VAL B 172 -12.57 -3.47 -11.64
N ALA B 173 -12.90 -2.21 -11.94
CA ALA B 173 -12.44 -1.53 -13.14
C ALA B 173 -11.08 -0.83 -12.94
N PRO B 174 -10.22 -0.84 -13.98
CA PRO B 174 -9.01 0.01 -13.90
C PRO B 174 -9.44 1.48 -13.91
N PHE B 175 -8.65 2.37 -13.33
CA PHE B 175 -8.90 3.78 -13.45
C PHE B 175 -8.84 4.11 -14.95
N HIS B 176 -9.87 4.84 -15.42
CA HIS B 176 -10.13 5.17 -16.85
C HIS B 176 -10.91 4.10 -17.61
N GLY B 177 -11.11 2.94 -16.98
CA GLY B 177 -11.84 1.86 -17.62
C GLY B 177 -13.33 1.88 -17.26
N ARG B 178 -14.13 1.22 -18.09
CA ARG B 178 -15.57 1.20 -17.90
C ARG B 178 -16.13 -0.21 -17.72
N ASP B 179 -15.28 -1.19 -17.48
CA ASP B 179 -15.77 -2.51 -17.05
C ASP B 179 -14.76 -3.18 -16.14
N SER B 180 -15.11 -4.36 -15.62
CA SER B 180 -14.27 -5.05 -14.66
C SER B 180 -13.12 -5.78 -15.31
N ARG B 181 -11.94 -5.71 -14.69
CA ARG B 181 -10.75 -6.37 -15.22
C ARG B 181 -9.96 -7.18 -14.19
N PHE B 182 -10.20 -6.99 -12.89
CA PHE B 182 -9.42 -7.72 -11.88
C PHE B 182 -10.20 -7.80 -10.57
N GLY B 183 -9.69 -8.58 -9.62
CA GLY B 183 -10.40 -8.85 -8.39
C GLY B 183 -10.24 -7.74 -7.38
N THR B 184 -10.84 -7.95 -6.21
CA THR B 184 -10.77 -6.95 -5.14
C THR B 184 -9.38 -6.95 -4.45
N ASN B 185 -8.51 -7.86 -4.86
CA ASN B 185 -7.06 -7.79 -4.62
C ASN B 185 -6.59 -7.05 -3.38
N PRO B 186 -6.70 -7.67 -2.20
CA PRO B 186 -6.31 -6.97 -0.96
C PRO B 186 -4.80 -6.83 -0.68
N PHE B 187 -4.46 -5.83 0.13
CA PHE B 187 -3.10 -5.59 0.53
C PHE B 187 -3.11 -5.60 2.05
N CYS B 188 -2.05 -6.13 2.66
CA CYS B 188 -1.99 -6.27 4.11
C CYS B 188 -0.57 -6.08 4.63
N VAL B 189 -0.40 -5.34 5.74
CA VAL B 189 0.92 -5.17 6.38
C VAL B 189 0.68 -5.15 7.88
N VAL B 190 1.58 -5.77 8.63
CA VAL B 190 1.41 -5.85 10.07
C VAL B 190 2.73 -5.50 10.77
N PHE B 191 2.62 -4.85 11.93
CA PHE B 191 3.77 -4.60 12.80
C PHE B 191 3.45 -5.14 14.20
N PRO B 192 4.25 -6.09 14.72
CA PRO B 192 3.95 -6.68 16.06
C PRO B 192 4.31 -5.71 17.19
N ARG B 193 3.59 -5.76 18.32
CA ARG B 193 3.93 -4.94 19.47
C ARG B 193 3.94 -5.81 20.71
N LYS B 194 4.97 -5.66 21.53
CA LYS B 194 5.07 -6.47 22.74
C LYS B 194 3.89 -6.17 23.67
N ASP B 195 3.18 -7.24 24.04
CA ASP B 195 2.02 -7.18 24.97
C ASP B 195 0.91 -6.21 24.53
N ASN B 196 0.79 -6.00 23.22
CA ASN B 196 -0.29 -5.20 22.69
C ASN B 196 -0.82 -5.79 21.40
N PHE B 197 -1.96 -5.28 20.91
CA PHE B 197 -2.45 -5.75 19.62
C PHE B 197 -1.49 -5.24 18.54
N PRO B 198 -1.30 -6.04 17.47
CA PRO B 198 -0.46 -5.59 16.35
C PRO B 198 -1.10 -4.46 15.55
N LEU B 199 -0.29 -3.54 15.03
CA LEU B 199 -0.75 -2.55 14.05
C LEU B 199 -0.95 -3.23 12.70
N LEU B 200 -2.20 -3.28 12.27
CA LEU B 200 -2.63 -4.15 11.18
C LEU B 200 -3.42 -3.41 10.11
N LEU B 201 -2.82 -3.24 8.95
CA LEU B 201 -3.48 -2.71 7.77
C LEU B 201 -3.94 -3.89 6.92
N ASP B 202 -5.22 -3.94 6.57
CA ASP B 202 -5.77 -5.06 5.82
C ASP B 202 -7.00 -4.57 5.08
N TYR B 203 -6.89 -4.37 3.77
CA TYR B 203 -8.07 -3.98 3.03
C TYR B 203 -7.99 -4.32 1.54
N ALA B 204 -9.16 -4.38 0.92
CA ALA B 204 -9.31 -4.53 -0.51
C ALA B 204 -8.84 -3.23 -1.21
N THR B 205 -8.47 -3.34 -2.48
CA THR B 205 -8.07 -2.20 -3.30
C THR B 205 -9.27 -1.58 -4.07
N SER B 206 -10.44 -2.17 -3.89
CA SER B 206 -11.66 -1.58 -4.41
C SER B 206 -12.17 -0.42 -3.52
N ALA B 207 -13.08 0.39 -4.05
CA ALA B 207 -13.58 1.57 -3.34
C ALA B 207 -14.47 1.18 -2.19
N ILE B 208 -15.10 0.01 -2.29
CA ILE B 208 -16.04 -0.49 -1.30
C ILE B 208 -15.97 -2.00 -1.38
N ALA B 209 -16.24 -2.68 -0.28
CA ALA B 209 -16.24 -4.16 -0.26
C ALA B 209 -17.41 -4.71 -1.06
N PHE B 210 -17.15 -5.81 -1.79
CA PHE B 210 -18.22 -6.48 -2.52
C PHE B 210 -19.38 -6.82 -1.60
N GLY B 211 -19.06 -7.37 -0.42
CA GLY B 211 -20.04 -7.65 0.63
C GLY B 211 -20.94 -6.50 1.04
N LYS B 212 -20.45 -5.27 1.02
CA LYS B 212 -21.25 -4.13 1.45
C LYS B 212 -22.32 -3.82 0.42
N THR B 213 -22.06 -4.15 -0.84
CA THR B 213 -23.03 -3.89 -1.89
C THR B 213 -24.16 -4.92 -1.79
N ARG B 214 -23.79 -6.15 -1.42
CA ARG B 214 -24.74 -7.26 -1.18
C ARG B 214 -25.68 -6.92 -0.03
N VAL B 215 -25.13 -6.37 1.05
CA VAL B 215 -25.90 -5.85 2.18
C VAL B 215 -26.81 -4.67 1.79
N ALA B 216 -26.27 -3.67 1.09
CA ALA B 216 -27.07 -2.49 0.69
C ALA B 216 -28.18 -2.83 -0.32
N TRP B 217 -27.98 -3.92 -1.06
CA TRP B 217 -28.98 -4.44 -2.00
C TRP B 217 -30.14 -5.08 -1.23
N HIS B 218 -29.81 -6.08 -0.40
CA HIS B 218 -30.77 -6.72 0.51
C HIS B 218 -31.55 -5.71 1.37
N LYS B 219 -30.88 -4.68 1.87
CA LYS B 219 -31.56 -3.62 2.66
C LYS B 219 -32.23 -2.53 1.82
N GLY B 220 -32.06 -2.59 0.50
CA GLY B 220 -32.59 -1.57 -0.42
C GLY B 220 -32.18 -0.11 -0.16
N VAL B 221 -30.87 0.11 0.02
CA VAL B 221 -30.31 1.48 0.19
C VAL B 221 -29.18 1.78 -0.81
N PRO B 222 -28.91 3.08 -1.10
CA PRO B 222 -27.73 3.43 -1.90
C PRO B 222 -26.40 3.07 -1.21
N VAL B 223 -25.34 2.81 -1.99
CA VAL B 223 -23.97 2.81 -1.48
C VAL B 223 -23.43 4.25 -1.63
N PRO B 224 -22.32 4.60 -0.94
CA PRO B 224 -21.81 5.97 -1.12
C PRO B 224 -21.40 6.22 -2.57
N PRO B 225 -21.31 7.51 -2.97
CA PRO B 225 -20.90 7.80 -4.35
C PRO B 225 -19.40 7.53 -4.58
N GLY B 226 -19.01 7.35 -5.85
CA GLY B 226 -17.62 7.12 -6.22
C GLY B 226 -17.15 5.70 -5.98
N CYS B 227 -18.08 4.76 -5.90
CA CYS B 227 -17.76 3.34 -5.62
C CYS B 227 -18.10 2.38 -6.74
N LEU B 228 -19.12 2.71 -7.52
CA LEU B 228 -19.66 1.81 -8.53
C LEU B 228 -19.87 2.53 -9.84
N ILE B 229 -19.75 1.77 -10.93
CA ILE B 229 -20.23 2.17 -12.25
C ILE B 229 -21.17 1.10 -12.78
N ASP B 230 -22.09 1.46 -13.68
CA ASP B 230 -22.99 0.46 -14.27
C ASP B 230 -22.36 -0.21 -15.49
N VAL B 231 -23.14 -1.06 -16.16
CA VAL B 231 -22.72 -1.83 -17.32
C VAL B 231 -22.14 -0.94 -18.45
N ASN B 232 -22.58 0.31 -18.53
CA ASN B 232 -22.08 1.24 -19.54
C ASN B 232 -21.02 2.20 -19.01
N GLY B 233 -20.50 1.93 -17.80
CA GLY B 233 -19.46 2.75 -17.20
C GLY B 233 -19.92 4.06 -16.60
N VAL B 234 -21.24 4.22 -16.42
CA VAL B 234 -21.80 5.44 -15.84
C VAL B 234 -21.81 5.30 -14.31
N PRO B 235 -21.29 6.33 -13.58
CA PRO B 235 -21.34 6.34 -12.11
C PRO B 235 -22.74 6.06 -11.54
N THR B 236 -22.81 5.20 -10.54
CA THR B 236 -24.08 4.89 -9.88
C THR B 236 -23.89 4.68 -8.38
N THR B 237 -24.95 4.91 -7.60
CA THR B 237 -24.98 4.53 -6.19
C THR B 237 -25.87 3.30 -5.93
N ASN B 238 -26.39 2.69 -7.01
CA ASN B 238 -27.27 1.54 -6.92
C ASN B 238 -26.54 0.19 -6.86
N PRO B 239 -26.57 -0.48 -5.69
CA PRO B 239 -25.82 -1.74 -5.52
C PRO B 239 -26.40 -2.92 -6.35
N ALA B 240 -27.55 -2.69 -6.98
CA ALA B 240 -28.16 -3.64 -7.93
C ALA B 240 -27.18 -4.07 -9.01
N VAL B 241 -26.31 -3.13 -9.45
CA VAL B 241 -25.31 -3.38 -10.51
C VAL B 241 -24.22 -4.42 -10.18
N MSE B 242 -24.03 -4.72 -8.90
CA MSE B 242 -23.07 -5.75 -8.52
C MSE B 242 -23.76 -7.08 -8.25
O MSE B 242 -23.10 -8.13 -8.14
CB MSE B 242 -22.29 -5.30 -7.29
CG MSE B 242 -21.41 -4.09 -7.54
SE MSE B 242 -20.37 -4.30 -9.17
CE MSE B 242 -19.34 -5.96 -8.91
N GLN B 243 -25.09 -7.04 -8.19
CA GLN B 243 -25.93 -8.16 -7.70
C GLN B 243 -26.87 -8.83 -8.74
N GLU B 244 -27.59 -8.05 -9.56
CA GLU B 244 -28.35 -8.55 -10.74
C GLU B 244 -27.65 -8.24 -12.09
N SER B 245 -28.13 -8.87 -13.16
CA SER B 245 -27.82 -8.46 -14.56
C SER B 245 -28.54 -7.18 -14.96
N PRO B 246 -27.94 -6.34 -15.86
CA PRO B 246 -26.56 -6.45 -16.38
C PRO B 246 -25.55 -5.95 -15.32
N LEU B 247 -24.53 -6.77 -15.04
CA LEU B 247 -23.51 -6.41 -14.06
C LEU B 247 -22.70 -5.16 -14.42
N GLY B 248 -22.52 -4.29 -13.42
CA GLY B 248 -21.66 -3.14 -13.53
C GLY B 248 -20.33 -3.51 -12.92
N SER B 249 -19.72 -2.57 -12.23
CA SER B 249 -18.38 -2.80 -11.77
C SER B 249 -18.04 -1.97 -10.51
N LEU B 250 -17.26 -2.55 -9.59
CA LEU B 250 -16.63 -1.74 -8.53
C LEU B 250 -15.57 -0.82 -9.10
N LEU B 251 -15.35 0.32 -8.44
CA LEU B 251 -14.18 1.17 -8.73
C LEU B 251 -13.07 0.88 -7.72
N THR B 252 -11.85 1.33 -8.01
CA THR B 252 -10.78 1.19 -7.07
C THR B 252 -10.84 2.35 -6.07
N PHE B 253 -10.22 2.18 -4.89
CA PHE B 253 -10.16 3.29 -3.97
C PHE B 253 -9.28 4.40 -4.55
N ALA B 254 -9.69 5.66 -4.30
CA ALA B 254 -8.89 6.85 -4.62
C ALA B 254 -8.30 6.80 -6.04
N GLU B 255 -9.16 6.47 -7.00
CA GLU B 255 -8.82 6.51 -8.44
C GLU B 255 -7.55 5.73 -8.80
N HIS B 256 -6.49 6.41 -9.25
CA HIS B 256 -5.29 5.68 -9.68
C HIS B 256 -4.56 5.03 -8.50
N LYS B 257 -4.77 5.53 -7.29
CA LYS B 257 -4.05 5.00 -6.15
C LYS B 257 -4.43 3.54 -5.82
N GLY B 258 -5.73 3.26 -5.69
CA GLY B 258 -6.18 1.91 -5.47
C GLY B 258 -5.95 1.05 -6.70
N TYR B 259 -6.04 1.67 -7.88
CA TYR B 259 -5.78 0.93 -9.11
C TYR B 259 -4.31 0.48 -9.23
N ALA B 260 -3.35 1.37 -8.98
CA ALA B 260 -1.96 0.96 -8.98
C ALA B 260 -1.71 -0.17 -7.95
N LEU B 261 -2.28 -0.05 -6.76
CA LEU B 261 -2.06 -1.07 -5.75
C LEU B 261 -2.68 -2.43 -6.16
N ALA B 262 -3.87 -2.39 -6.78
CA ALA B 262 -4.54 -3.60 -7.29
C ALA B 262 -3.71 -4.31 -8.35
N ALA B 263 -3.14 -3.52 -9.25
CA ALA B 263 -2.24 -4.02 -10.29
C ALA B 263 -0.94 -4.61 -9.71
N MSE B 264 -0.33 -3.96 -8.70
CA MSE B 264 0.84 -4.54 -8.03
C MSE B 264 0.48 -5.85 -7.32
O MSE B 264 1.29 -6.77 -7.30
CB MSE B 264 1.49 -3.55 -7.04
CG MSE B 264 1.92 -2.23 -7.67
SE MSE B 264 3.12 -2.42 -9.25
CE MSE B 264 4.64 -3.27 -8.35
N CYS B 265 -0.71 -5.92 -6.72
CA CYS B 265 -1.17 -7.16 -6.09
C CYS B 265 -1.39 -8.27 -7.12
N GLU B 266 -1.94 -7.92 -8.28
CA GLU B 266 -2.14 -8.87 -9.39
C GLU B 266 -0.81 -9.49 -9.82
N ILE B 267 0.21 -8.64 -9.89
CA ILE B 267 1.50 -9.05 -10.41
C ILE B 267 2.37 -9.67 -9.34
N LEU B 268 2.54 -9.01 -8.20
CA LEU B 268 3.36 -9.58 -7.14
C LEU B 268 2.69 -10.79 -6.50
N GLY B 269 1.34 -10.76 -6.41
CA GLY B 269 0.56 -11.88 -5.90
C GLY B 269 0.34 -12.94 -6.99
N GLY B 270 -0.46 -12.63 -8.00
CA GLY B 270 -0.80 -13.60 -9.03
C GLY B 270 0.39 -14.11 -9.82
N ALA B 271 1.05 -13.22 -10.56
CA ALA B 271 2.14 -13.63 -11.46
C ALA B 271 3.38 -14.16 -10.74
N LEU B 272 3.89 -13.43 -9.76
CA LEU B 272 5.17 -13.75 -9.16
C LEU B 272 5.09 -14.96 -8.20
N SER B 273 3.89 -15.27 -7.71
CA SER B 273 3.71 -16.44 -6.86
C SER B 273 3.74 -17.75 -7.65
N GLY B 274 3.78 -17.62 -8.97
CA GLY B 274 3.69 -18.76 -9.86
C GLY B 274 2.26 -19.11 -10.24
N GLY B 275 1.32 -18.20 -9.98
CA GLY B 275 -0.09 -18.43 -10.30
C GLY B 275 -0.51 -17.79 -11.60
N LYS B 276 -1.80 -17.59 -11.75
CA LYS B 276 -2.38 -17.02 -12.96
C LYS B 276 -2.83 -15.60 -12.67
N THR B 277 -2.66 -14.70 -13.65
CA THR B 277 -3.31 -13.41 -13.57
C THR B 277 -4.69 -13.50 -14.27
N THR B 278 -5.58 -12.52 -14.03
CA THR B 278 -6.87 -12.44 -14.69
C THR B 278 -6.69 -11.92 -16.13
N HIS B 279 -7.24 -12.67 -17.09
CA HIS B 279 -7.31 -12.27 -18.49
C HIS B 279 -8.24 -13.29 -19.16
N GLN B 280 -8.53 -13.15 -20.45
CA GLN B 280 -9.61 -13.92 -21.07
C GLN B 280 -9.51 -15.42 -20.79
N GLU B 281 -8.31 -15.96 -20.94
CA GLU B 281 -8.09 -17.40 -20.88
C GLU B 281 -8.18 -17.96 -19.44
N THR B 282 -8.18 -17.10 -18.43
CA THR B 282 -8.13 -17.58 -17.06
C THR B 282 -9.39 -17.28 -16.24
N LEU B 283 -10.41 -16.72 -16.89
CA LEU B 283 -11.68 -16.41 -16.23
C LEU B 283 -12.32 -17.65 -15.64
N GLN B 284 -12.77 -17.57 -14.38
CA GLN B 284 -13.55 -18.67 -13.77
C GLN B 284 -14.90 -18.83 -14.43
N THR B 285 -15.47 -20.03 -14.35
CA THR B 285 -16.79 -20.28 -14.92
C THR B 285 -17.88 -20.17 -13.86
N SER B 286 -17.56 -19.69 -12.67
CA SER B 286 -18.53 -19.61 -11.61
C SER B 286 -18.10 -18.50 -10.66
N PRO B 287 -19.07 -17.70 -10.17
CA PRO B 287 -18.74 -16.65 -9.21
C PRO B 287 -18.29 -17.21 -7.87
N ASP B 288 -18.52 -18.49 -7.61
CA ASP B 288 -18.08 -19.14 -6.36
C ASP B 288 -16.70 -19.79 -6.46
N ALA B 289 -16.12 -19.83 -7.66
CA ALA B 289 -14.77 -20.35 -7.87
C ALA B 289 -13.78 -19.26 -7.44
N ILE B 290 -13.64 -19.11 -6.13
CA ILE B 290 -12.80 -18.05 -5.58
C ILE B 290 -11.46 -18.59 -5.21
N LEU B 291 -10.46 -18.29 -6.05
N LEU B 291 -10.48 -18.30 -6.05
CA LEU B 291 -9.09 -18.76 -5.87
CA LEU B 291 -9.11 -18.73 -5.84
C LEU B 291 -8.10 -17.61 -5.70
C LEU B 291 -8.24 -17.53 -5.57
N ASN B 292 -7.28 -17.70 -4.67
CA ASN B 292 -6.35 -16.62 -4.32
C ASN B 292 -4.91 -17.02 -4.58
N CYS B 293 -4.11 -16.03 -4.99
CA CYS B 293 -2.65 -16.11 -4.93
C CYS B 293 -2.21 -15.08 -3.89
N MSE B 294 -1.15 -15.37 -3.14
CA MSE B 294 -0.63 -14.44 -2.15
C MSE B 294 0.87 -14.56 -2.05
O MSE B 294 1.38 -15.65 -1.80
CB MSE B 294 -1.27 -14.70 -0.79
CG MSE B 294 -0.67 -13.81 0.29
SE MSE B 294 -1.59 -13.95 2.03
CE MSE B 294 -1.28 -15.89 2.40
N THR B 295 1.58 -13.44 -2.19
CA THR B 295 3.01 -13.38 -1.93
C THR B 295 3.25 -12.59 -0.62
N THR B 296 3.93 -13.24 0.32
CA THR B 296 4.13 -12.71 1.67
C THR B 296 5.64 -12.53 1.95
N ILE B 297 6.04 -11.34 2.39
CA ILE B 297 7.41 -11.11 2.86
C ILE B 297 7.36 -11.04 4.39
N ILE B 298 8.24 -11.76 5.05
CA ILE B 298 8.23 -11.87 6.52
C ILE B 298 9.56 -11.40 7.03
N ILE B 299 9.54 -10.42 7.94
CA ILE B 299 10.73 -9.66 8.32
C ILE B 299 10.88 -9.64 9.84
N ASN B 300 12.04 -10.08 10.34
CA ASN B 300 12.36 -9.96 11.75
C ASN B 300 12.71 -8.51 12.12
N PRO B 301 11.80 -7.81 12.85
CA PRO B 301 12.03 -6.37 13.08
C PRO B 301 13.26 -6.11 13.95
N GLU B 302 13.69 -7.13 14.71
CA GLU B 302 14.84 -6.98 15.59
C GLU B 302 16.19 -6.85 14.87
N LEU B 303 16.22 -7.13 13.57
CA LEU B 303 17.44 -6.98 12.80
C LEU B 303 17.86 -5.50 12.64
N PHE B 304 16.89 -4.59 12.68
CA PHE B 304 17.17 -3.17 12.52
C PHE B 304 17.77 -2.56 13.78
N GLY B 305 18.54 -1.48 13.61
CA GLY B 305 19.19 -0.80 14.71
C GLY B 305 18.20 0.28 15.15
N ALA B 306 17.26 -0.09 16.01
CA ALA B 306 16.16 0.78 16.37
C ALA B 306 15.87 0.62 17.87
N PRO B 307 16.83 1.04 18.73
CA PRO B 307 16.63 0.81 20.15
C PRO B 307 15.43 1.58 20.75
N ASP B 308 14.98 2.65 20.09
CA ASP B 308 13.88 3.44 20.61
C ASP B 308 12.57 3.24 19.87
N CYS B 309 12.51 2.18 19.07
CA CYS B 309 11.35 1.87 18.26
C CYS B 309 10.04 1.84 19.07
N ASN B 310 10.01 1.09 20.17
CA ASN B 310 8.83 0.99 21.03
C ASN B 310 8.35 2.35 21.50
N ALA B 311 9.27 3.15 22.04
CA ALA B 311 8.95 4.46 22.56
C ALA B 311 8.47 5.42 21.46
N GLN B 312 9.08 5.36 20.29
CA GLN B 312 8.70 6.21 19.18
C GLN B 312 7.31 5.84 18.64
N THR B 313 7.04 4.54 18.61
CA THR B 313 5.75 4.01 18.20
C THR B 313 4.64 4.46 19.16
N GLU B 314 4.89 4.30 20.46
CA GLU B 314 3.91 4.66 21.49
C GLU B 314 3.67 6.18 21.52
N ALA B 315 4.73 6.96 21.39
CA ALA B 315 4.63 8.41 21.32
C ALA B 315 3.79 8.88 20.14
N PHE B 316 3.98 8.25 18.99
CA PHE B 316 3.18 8.58 17.83
C PHE B 316 1.71 8.20 18.05
N ALA B 317 1.48 7.02 18.63
CA ALA B 317 0.13 6.53 18.86
C ALA B 317 -0.70 7.48 19.73
N GLU B 318 -0.09 8.03 20.78
CA GLU B 318 -0.77 8.91 21.67
C GLU B 318 -0.98 10.26 21.01
N TRP B 319 0.04 10.72 20.29
CA TRP B 319 0.00 12.00 19.61
C TRP B 319 -1.11 12.08 18.55
N VAL B 320 -1.22 11.03 17.75
CA VAL B 320 -2.22 10.99 16.69
C VAL B 320 -3.66 10.95 17.29
N LYS B 321 -3.83 10.28 18.42
CA LYS B 321 -5.13 10.24 19.07
C LYS B 321 -5.57 11.55 19.74
N ALA B 322 -4.62 12.46 19.98
CA ALA B 322 -4.89 13.74 20.62
C ALA B 322 -5.49 14.79 19.64
N SER B 323 -5.54 14.46 18.35
CA SER B 323 -6.16 15.31 17.35
C SER B 323 -7.62 15.55 17.72
N PRO B 324 -8.09 16.83 17.69
CA PRO B 324 -9.51 17.03 18.03
C PRO B 324 -10.46 16.14 17.21
N HIS B 325 -11.44 15.53 17.87
CA HIS B 325 -12.33 14.53 17.29
C HIS B 325 -13.65 14.59 18.05
N ASP B 326 -14.71 14.03 17.47
CA ASP B 326 -15.96 13.78 18.20
C ASP B 326 -15.72 12.66 19.20
N ASP B 327 -16.31 12.79 20.39
CA ASP B 327 -16.25 11.75 21.44
C ASP B 327 -16.68 10.38 20.97
N ASP B 328 -17.68 10.36 20.10
CA ASP B 328 -18.25 9.13 19.58
C ASP B 328 -17.52 8.59 18.32
N LYS B 329 -16.57 9.35 17.79
CA LYS B 329 -15.70 8.90 16.69
C LYS B 329 -14.22 9.15 17.04
N PRO B 330 -13.69 8.44 18.06
CA PRO B 330 -12.28 8.65 18.36
C PRO B 330 -11.33 8.06 17.30
N ILE B 331 -10.09 8.55 17.32
CA ILE B 331 -9.08 8.06 16.39
C ILE B 331 -8.61 6.66 16.79
N LEU B 332 -8.52 5.77 15.80
CA LEU B 332 -8.06 4.40 16.03
C LEU B 332 -6.72 4.21 15.38
N LEU B 333 -5.94 3.25 15.90
CA LEU B 333 -4.79 2.72 15.18
C LEU B 333 -5.24 1.69 14.14
N PRO B 334 -4.42 1.48 13.08
CA PRO B 334 -4.73 0.34 12.21
C PRO B 334 -4.81 -0.98 13.02
N GLY B 335 -5.87 -1.75 12.81
CA GLY B 335 -6.05 -3.00 13.58
C GLY B 335 -6.89 -2.86 14.83
N GLU B 336 -7.12 -1.63 15.30
CA GLU B 336 -7.80 -1.43 16.57
C GLU B 336 -9.29 -1.73 16.45
N TRP B 337 -9.87 -1.37 15.31
CA TRP B 337 -11.27 -1.67 15.02
C TRP B 337 -11.63 -3.16 15.24
N GLU B 338 -10.81 -4.06 14.69
CA GLU B 338 -11.04 -5.49 14.80
C GLU B 338 -10.87 -5.96 16.23
N VAL B 339 -9.87 -5.41 16.92
CA VAL B 339 -9.63 -5.70 18.33
C VAL B 339 -10.85 -5.31 19.18
N ASN B 340 -11.39 -4.12 18.94
CA ASN B 340 -12.58 -3.68 19.70
C ASN B 340 -13.81 -4.52 19.37
N THR B 341 -13.99 -4.84 18.09
CA THR B 341 -15.14 -5.66 17.68
C THR B 341 -15.08 -7.05 18.31
N ARG B 342 -13.89 -7.64 18.32
N ARG B 342 -13.88 -7.62 18.31
CA ARG B 342 -13.70 -8.97 18.89
CA ARG B 342 -13.59 -8.93 18.88
C ARG B 342 -14.08 -8.97 20.37
C ARG B 342 -14.06 -8.96 20.33
N ARG B 343 -13.61 -7.97 21.11
CA ARG B 343 -13.98 -7.81 22.53
C ARG B 343 -15.53 -7.74 22.72
N GLU B 344 -16.19 -6.93 21.89
CA GLU B 344 -17.63 -6.77 21.93
C GLU B 344 -18.38 -8.06 21.56
N ARG B 345 -17.90 -8.78 20.54
CA ARG B 345 -18.56 -10.00 20.08
C ARG B 345 -18.26 -11.23 20.93
N GLN B 346 -17.09 -11.28 21.56
CA GLN B 346 -16.83 -12.30 22.57
C GLN B 346 -17.81 -12.17 23.73
N LYS B 347 -18.15 -10.94 24.09
CA LYS B 347 -19.07 -10.71 25.19
C LYS B 347 -20.55 -10.80 24.77
N GLN B 348 -20.93 -10.12 23.68
CA GLN B 348 -22.33 -10.07 23.23
C GLN B 348 -22.79 -11.16 22.26
N GLY B 349 -21.85 -11.91 21.68
CA GLY B 349 -22.17 -12.86 20.63
C GLY B 349 -22.00 -12.27 19.24
N ILE B 350 -21.89 -13.15 18.25
CA ILE B 350 -21.75 -12.78 16.84
C ILE B 350 -23.16 -12.59 16.27
N PRO B 351 -23.42 -11.42 15.67
CA PRO B 351 -24.74 -11.28 15.03
C PRO B 351 -24.72 -11.88 13.63
N LEU B 352 -25.78 -12.59 13.27
CA LEU B 352 -25.91 -13.09 11.88
C LEU B 352 -27.25 -12.68 11.36
N ASP B 353 -27.31 -12.14 10.13
CA ASP B 353 -28.65 -11.82 9.58
C ASP B 353 -29.46 -13.07 9.19
N ALA B 354 -30.78 -12.96 9.29
CA ALA B 354 -31.67 -14.08 9.10
C ALA B 354 -31.48 -14.79 7.76
N GLY B 355 -31.27 -14.02 6.69
CA GLY B 355 -31.12 -14.56 5.34
C GLY B 355 -29.86 -15.38 5.21
N SER B 356 -28.79 -14.89 5.80
CA SER B 356 -27.52 -15.58 5.81
C SER B 356 -27.62 -16.89 6.59
N TRP B 357 -28.21 -16.81 7.78
CA TRP B 357 -28.43 -17.97 8.60
C TRP B 357 -29.28 -19.05 7.88
N GLN B 358 -30.32 -18.61 7.19
CA GLN B 358 -31.13 -19.51 6.35
C GLN B 358 -30.30 -20.19 5.22
N ALA B 359 -29.43 -19.42 4.56
CA ALA B 359 -28.55 -19.96 3.54
C ALA B 359 -27.57 -20.99 4.14
N ILE B 360 -27.04 -20.70 5.33
CA ILE B 360 -26.15 -21.63 6.02
C ILE B 360 -26.88 -22.93 6.37
N CYS B 361 -28.11 -22.84 6.88
CA CYS B 361 -28.86 -24.05 7.22
C CYS B 361 -29.21 -24.86 5.98
N ASP B 362 -29.55 -24.18 4.89
CA ASP B 362 -29.86 -24.87 3.64
C ASP B 362 -28.64 -25.61 3.08
N ALA B 363 -27.48 -24.95 3.09
CA ALA B 363 -26.23 -25.55 2.67
C ALA B 363 -25.86 -26.79 3.53
N ALA B 364 -26.14 -26.73 4.83
CA ALA B 364 -25.93 -27.90 5.71
C ALA B 364 -26.81 -29.10 5.30
N ARG B 365 -28.07 -28.84 4.96
CA ARG B 365 -28.95 -29.89 4.44
C ARG B 365 -28.47 -30.39 3.08
N GLN B 366 -27.94 -29.48 2.25
CA GLN B 366 -27.47 -29.85 0.94
C GLN B 366 -26.31 -30.89 0.96
N ILE B 367 -25.44 -30.81 1.97
CA ILE B 367 -24.32 -31.74 2.12
C ILE B 367 -24.67 -32.92 3.03
N GLY B 368 -25.95 -33.07 3.33
CA GLY B 368 -26.45 -34.24 4.04
C GLY B 368 -26.47 -34.28 5.56
N MSE B 369 -26.32 -33.14 6.24
CA MSE B 369 -26.43 -33.14 7.69
C MSE B 369 -27.85 -33.57 8.05
O MSE B 369 -28.80 -33.00 7.54
CB MSE B 369 -26.12 -31.77 8.32
CG MSE B 369 -26.34 -31.74 9.82
SE MSE B 369 -25.63 -30.10 10.63
CE MSE B 369 -23.72 -30.63 10.76
N PRO B 370 -27.98 -34.60 8.92
CA PRO B 370 -29.35 -35.04 9.26
C PRO B 370 -30.13 -33.91 9.93
N GLU B 371 -31.43 -33.84 9.64
CA GLU B 371 -32.30 -32.81 10.19
C GLU B 371 -32.18 -32.71 11.71
N GLU B 372 -32.13 -33.85 12.39
CA GLU B 372 -32.01 -33.89 13.84
C GLU B 372 -30.69 -33.35 14.41
N THR B 373 -29.61 -33.53 13.66
CA THR B 373 -28.33 -32.98 14.04
C THR B 373 -28.36 -31.46 13.90
N LEU B 374 -28.92 -31.00 12.79
CA LEU B 374 -29.03 -29.58 12.50
C LEU B 374 -29.91 -28.90 13.55
N GLN B 375 -31.06 -29.52 13.86
CA GLN B 375 -31.96 -29.05 14.90
C GLN B 375 -31.32 -28.98 16.28
N ALA B 376 -30.64 -30.05 16.68
CA ALA B 376 -29.84 -30.05 17.93
C ALA B 376 -28.92 -28.83 18.03
N PHE B 377 -28.18 -28.52 16.96
CA PHE B 377 -27.34 -27.32 16.90
C PHE B 377 -28.11 -26.02 17.01
N CYS B 378 -29.22 -25.90 16.29
CA CYS B 378 -30.05 -24.68 16.34
C CYS B 378 -30.59 -24.38 17.72
N GLN B 379 -30.99 -25.42 18.45
CA GLN B 379 -31.54 -25.30 19.79
C GLN B 379 -30.48 -24.87 20.80
N GLN B 380 -29.30 -25.46 20.68
CA GLN B 380 -28.16 -25.09 21.49
C GLN B 380 -27.69 -23.63 21.22
N LEU B 381 -27.83 -23.20 19.97
CA LEU B 381 -27.49 -21.84 19.56
C LEU B 381 -28.55 -20.82 19.97
N ALA B 382 -29.80 -21.26 20.05
CA ALA B 382 -30.92 -20.39 20.39
C ALA B 382 -30.90 -19.97 21.85
N SER B 383 -30.43 -20.87 22.73
CA SER B 383 -30.47 -20.64 24.20
C SER B 383 -29.33 -19.76 24.75
S SO4 C . 4.47 16.50 -1.58
O1 SO4 C . 3.34 16.08 -0.73
O2 SO4 C . 5.64 16.49 -0.69
O3 SO4 C . 4.58 15.56 -2.71
O4 SO4 C . 4.33 17.81 -2.22
S SO4 D . 4.21 18.37 -20.17
O1 SO4 D . 3.80 19.34 -19.14
O2 SO4 D . 5.27 18.87 -21.05
O3 SO4 D . 4.75 17.15 -19.57
O4 SO4 D . 3.08 18.03 -21.02
S SO4 E . 4.76 16.16 -7.57
O1 SO4 E . 4.18 16.25 -6.19
O2 SO4 E . 4.74 17.47 -8.24
O3 SO4 E . 6.17 15.80 -7.45
O4 SO4 E . 4.03 15.22 -8.48
PA NAD F . 0.52 10.74 -7.79
O1A NAD F . -0.89 11.05 -7.37
O2A NAD F . 1.05 11.57 -8.91
O5B NAD F . 0.64 9.14 -8.13
C5B NAD F . 1.70 8.65 -8.90
C4B NAD F . 1.62 7.13 -8.90
O4B NAD F . 0.38 6.75 -9.52
C3B NAD F . 2.73 6.51 -9.73
O3B NAD F . 2.88 5.17 -9.30
C2B NAD F . 2.12 6.62 -11.14
O2B NAD F . 2.68 5.79 -12.13
C1B NAD F . 0.67 6.24 -10.82
N9A NAD F . -0.30 6.73 -11.82
C8A NAD F . -0.50 8.01 -12.32
N7A NAD F . -1.50 7.95 -13.24
C5A NAD F . -1.93 6.64 -13.33
C6A NAD F . -2.92 6.00 -14.10
N6A NAD F . -3.78 6.70 -14.85
N1A NAD F . -3.10 4.64 -13.94
C2A NAD F . -2.30 3.90 -13.06
N3A NAD F . -1.34 4.53 -12.30
C4A NAD F . -1.17 5.88 -12.44
O3 NAD F . 1.51 10.80 -6.51
PN NAD F . 1.54 11.88 -5.30
O1N NAD F . 0.92 11.26 -4.11
O2N NAD F . 1.08 13.20 -5.82
O5D NAD F . 3.15 12.03 -5.09
C5D NAD F . 3.99 12.58 -6.11
C4D NAD F . 5.47 12.35 -5.81
O4D NAD F . 5.80 12.95 -4.58
C3D NAD F . 5.86 10.88 -5.67
O3D NAD F . 6.99 10.70 -6.48
C2D NAD F . 6.20 10.70 -4.19
O2D NAD F . 7.25 9.79 -3.96
C1D NAD F . 6.62 12.10 -3.81
N1N NAD F . 6.52 12.40 -2.37
C2N NAD F . 7.71 12.46 -1.65
C3N NAD F . 7.66 12.73 -0.26
C7N NAD F . 8.91 12.67 0.56
O7N NAD F . 8.76 12.92 1.93
N7N NAD F . 10.08 12.41 0.01
C4N NAD F . 6.42 12.94 0.37
C5N NAD F . 5.23 12.87 -0.39
C6N NAD F . 5.30 12.61 -1.76
C1 EDO G . 2.23 30.30 5.50
O1 EDO G . 3.05 29.54 4.61
C2 EDO G . 1.58 29.37 6.52
O2 EDO G . 2.44 29.19 7.66
C1 EDO H . 19.09 14.66 -18.84
O1 EDO H . 19.02 14.01 -20.11
C2 EDO H . 20.51 15.04 -18.52
O2 EDO H . 20.91 14.40 -17.31
C1 EDO I . -18.50 6.51 10.72
O1 EDO I . -17.61 6.94 9.67
C2 EDO I . -17.78 5.37 11.49
O2 EDO I . -16.37 5.48 11.14
C1 EDO J . 7.63 19.24 -1.46
O1 EDO J . 6.57 19.88 -2.20
C2 EDO J . 7.76 19.93 -0.10
O2 EDO J . 7.61 21.36 -0.22
C1 EDO K . 7.19 17.21 2.48
O1 EDO K . 5.82 17.05 2.09
C2 EDO K . 7.95 16.00 1.95
O2 EDO K . 8.04 16.05 0.52
OH2 1PE L . 25.56 27.63 10.11
C12 1PE L . 25.92 27.57 8.71
C22 1PE L . 24.70 27.89 7.86
OH3 1PE L . 25.14 28.26 6.56
C13 1PE L . 25.01 29.88 4.78
C23 1PE L . 24.37 29.31 6.04
OH4 1PE L . 24.62 31.26 4.66
C14 1PE L . 25.60 33.30 5.54
C24 1PE L . 24.93 31.98 5.86
OH5 1PE L . 25.78 34.02 6.74
C15 1PE L . 27.81 34.90 7.72
C25 1PE L . 26.81 34.98 6.56
OH6 1PE L . 29.10 35.19 7.21
C16 1PE L . 31.20 34.25 6.53
C26 1PE L . 29.70 34.06 6.59
OH7 1PE L . 31.68 33.51 5.40
S SO4 M . -16.12 -7.62 5.35
O1 SO4 M . -17.43 -8.15 5.76
O2 SO4 M . -15.75 -6.49 6.23
O3 SO4 M . -15.19 -8.73 5.54
O4 SO4 M . -16.12 -7.22 3.91
S SO4 N . -25.26 -17.14 -0.25
O1 SO4 N . -26.15 -18.28 -0.52
O2 SO4 N . -25.46 -16.76 1.15
O3 SO4 N . -23.86 -17.53 -0.45
O4 SO4 N . -25.51 -16.01 -1.17
S SO4 O . -15.12 -8.89 -0.43
O1 SO4 O . -16.54 -9.24 -0.36
O2 SO4 O . -14.31 -10.09 -0.66
O3 SO4 O . -14.79 -8.26 0.85
O4 SO4 O . -14.85 -7.98 -1.55
S SO4 P . -9.54 -13.37 22.80
O1 SO4 P . -10.62 -12.71 22.05
O2 SO4 P . -9.99 -13.75 24.13
O3 SO4 P . -9.07 -14.56 22.08
O4 SO4 P . -8.42 -12.44 22.95
S SO4 Q . -13.42 -38.03 14.83
O1 SO4 Q . -14.79 -38.44 14.40
O2 SO4 Q . -13.52 -36.76 15.56
O3 SO4 Q . -12.83 -39.08 15.74
O4 SO4 Q . -12.52 -37.87 13.61
PA NAD R . -12.11 -2.13 5.47
O1A NAD R . -12.61 -0.99 4.64
O2A NAD R . -12.99 -2.64 6.54
O5B NAD R . -10.69 -1.70 6.10
C5B NAD R . -10.11 -2.48 7.12
C4B NAD R . -8.75 -1.88 7.48
O4B NAD R . -8.90 -0.52 7.85
C3B NAD R . -8.20 -2.62 8.71
O3B NAD R . -6.79 -2.56 8.65
C2B NAD R . -8.78 -1.80 9.86
O2B NAD R . -8.13 -1.94 11.12
C1B NAD R . -8.67 -0.41 9.26
N9A NAD R . -9.58 0.58 9.88
C8A NAD R . -10.95 0.53 10.03
N7A NAD R . -11.34 1.67 10.65
C5A NAD R . -10.25 2.44 10.88
C6A NAD R . -10.08 3.69 11.48
N6A NAD R . -11.14 4.43 11.84
N1A NAD R . -8.79 4.21 11.57
C2A NAD R . -7.70 3.49 11.08
N3A NAD R . -7.86 2.27 10.49
C4A NAD R . -9.12 1.75 10.41
O3 NAD R . -11.65 -3.41 4.57
PN NAD R . -12.22 -3.92 3.13
O1N NAD R . -11.50 -3.28 2.02
O2N NAD R . -13.69 -3.78 3.11
O5D NAD R . -11.86 -5.47 3.33
C5D NAD R . -12.47 -6.23 4.36
C4D NAD R . -11.79 -7.60 4.51
O4D NAD R . -11.98 -8.36 3.33
C3D NAD R . -10.29 -7.59 4.78
O3D NAD R . -10.05 -8.43 5.91
C2D NAD R . -9.64 -8.12 3.49
O2D NAD R . -8.57 -8.98 3.74
C1D NAD R . -10.76 -9.03 3.00
N1N NAD R . -10.70 -9.32 1.57
C2N NAD R . -10.30 -10.58 1.16
C3N NAD R . -10.26 -10.85 -0.22
C7N NAD R . -9.77 -12.18 -0.73
O7N NAD R . -9.43 -13.19 0.17
N7N NAD R . -9.69 -12.37 -2.02
C4N NAD R . -10.63 -9.86 -1.13
C5N NAD R . -11.02 -8.59 -0.70
C6N NAD R . -11.08 -8.34 0.67
C1 EDO S . 10.74 -12.42 17.20
O1 EDO S . 11.74 -11.53 16.69
C2 EDO S . 10.67 -13.57 16.21
O2 EDO S . 11.92 -14.24 16.27
C1 EDO T . -13.74 -12.20 -3.72
O1 EDO T . -13.81 -10.77 -3.87
C2 EDO T . -12.72 -12.54 -2.65
O2 EDO T . -13.18 -12.23 -1.32
C1 EDO U . -22.55 -5.55 16.25
O1 EDO U . -22.45 -4.94 14.98
C2 EDO U . -21.14 -5.53 16.76
O2 EDO U . -21.16 -6.39 17.89
C1 EDO V . -3.07 -19.06 -21.28
O1 EDO V . -3.20 -17.65 -21.07
C2 EDO V . -2.69 -19.65 -19.93
O2 EDO V . -2.95 -18.65 -18.95
C1 EDO W . -20.63 -11.22 1.13
O1 EDO W . -20.71 -11.55 -0.26
C2 EDO W . -22.02 -11.22 1.76
O2 EDO W . -22.34 -9.94 2.34
#